data_6JWX
#
_entry.id   6JWX
#
_cell.length_a   99.106
_cell.length_b   137.169
_cell.length_c   137.144
_cell.angle_alpha   90.000
_cell.angle_beta   90.000
_cell.angle_gamma   90.000
#
_symmetry.space_group_name_H-M   'P 21 21 21'
#
loop_
_entity.id
_entity.type
_entity.pdbx_description
1 polymer '7,8-dihydro-6-hydroxymethylpterin pyrophosphokinase-dihydropteroate synthase'
2 non-polymer 4-[(2-azanyl-4-oxidanylidene-7,8-dihydro-3~{H}-pteridin-6-yl)methylamino]-~{N}-(5,6-dimethoxypyrimidin-4-yl)benzenesulfonamide
3 non-polymer 2-AMINO-6-HYDROXYMETHYL-7,8-DIHYDRO-3H-PTERIDIN-4-ONE
4 non-polymer 'ADENOSINE MONOPHOSPHATE'
5 non-polymer 'MAGNESIUM ION'
6 non-polymer 'ACETATE ION'
7 non-polymer 'CALCIUM ION'
8 water water
#
_entity_poly.entity_id   1
_entity_poly.type   'polypeptide(L)'
_entity_poly.pdbx_seq_one_letter_code
;METIQELILSEENKTNIAVLNLGTNDRRNAVLILETALHLVEKYLGKIINTSYLYETVPEYIVLDKKESCEKINKDCRIY
DVNYINELMQNLEESKYEENKELIDKCEEYETFLKNGKVDNSILKEVNVENYLLECNNIIVKNDEIMKNNLSKYKDKYYT
SYFYNLTVVVKTFVNDPLSMLVVIKYIEELMKRENVKEKEKFENRIIDIDILFFNDFTIFMKNIKLEKNMIYKILSKYIH
LERDIKNGNDNMSKVNMDKDINLNNNNNIKKKNNNDIDCDCVDQKMNNHVNNKNYINSFRDPQEIINNMVDNIEFLSIPH
VYTTHRYSILLCLNDMIPEYKHNVLNNTIRCLYNKYVSRMKEQYNINIKENNKRIYVLKDRISYLKEKTNIVGILNVNYD
SFSDGGIFVEPKRAVQRMFEMINEGASVIDIGGESSAPFVIPNPKISERDLVVPVLQLFQKEWNDIKNKIVKCDAKPIIS
IDTINYNVFKECVDNDLVDILNDISACTNNPEIIKLLKKKNKFYSVVLMHKRGNPHTMDKLTNYDNLVYDIKNYLEQRLN
FLVLNGIPRYRILFDIGLGFAKKHDQSIKLLQNIHVYDEYPLFIGYSRKRFIAHCMNDQNVVINTQQKLHDEQQNENKNI
VDKSHNWMFQMNYMRKDKDQLLYQKNICGGLAIASYSYYKKVDLIRVHDVLETKSVLDVLTKIDQVKDPNSSSVDKLAAA
LEHHHHHH
;
_entity_poly.pdbx_strand_id   A,B
#
loop_
_chem_comp.id
_chem_comp.type
_chem_comp.name
_chem_comp.formula
ACT non-polymer 'ACETATE ION' 'C2 H3 O2 -1'
AMP non-polymer 'ADENOSINE MONOPHOSPHATE' 'C10 H14 N5 O7 P'
CA non-polymer 'CALCIUM ION' 'Ca 2'
CKL non-polymer 4-[(2-azanyl-4-oxidanylidene-7,8-dihydro-3~{H}-pteridin-6-yl)methylamino]-~{N}-(5,6-dimethoxypyrimidin-4-yl)benzenesulfonamide 'C19 H21 N9 O5 S'
MG non-polymer 'MAGNESIUM ION' 'Mg 2'
PH2 non-polymer 2-AMINO-6-HYDROXYMETHYL-7,8-DIHYDRO-3H-PTERIDIN-4-ONE 'C7 H9 N5 O2'
#
# COMPACT_ATOMS: atom_id res chain seq x y z
N ILE A 4 39.04 27.01 44.45
CA ILE A 4 38.76 25.83 43.57
C ILE A 4 37.82 24.81 44.23
N GLN A 5 37.85 24.78 45.56
CA GLN A 5 37.23 23.73 46.37
C GLN A 5 35.95 24.22 47.08
N GLU A 6 35.51 25.44 46.77
CA GLU A 6 34.50 26.12 47.59
C GLU A 6 33.06 25.93 47.10
N LEU A 7 32.78 26.41 45.88
CA LEU A 7 31.44 26.32 45.29
C LEU A 7 31.18 24.99 44.59
N ILE A 8 32.26 24.32 44.15
CA ILE A 8 32.14 23.04 43.45
C ILE A 8 31.72 21.92 44.41
N LEU A 9 32.36 21.89 45.57
CA LEU A 9 32.04 20.87 46.58
C LEU A 9 31.04 21.37 47.63
N SER A 10 30.34 22.48 47.33
CA SER A 10 29.37 23.11 48.24
C SER A 10 28.33 22.13 48.74
N GLU A 11 28.17 22.08 50.05
CA GLU A 11 27.30 21.09 50.74
C GLU A 11 25.82 21.24 50.44
N GLU A 12 25.42 22.43 49.96
CA GLU A 12 24.04 22.73 49.57
C GLU A 12 23.59 21.94 48.33
N ASN A 13 22.86 20.85 48.60
CA ASN A 13 22.37 19.94 47.58
C ASN A 13 21.23 20.54 46.77
N LYS A 14 21.41 20.52 45.45
CA LYS A 14 20.49 21.14 44.50
C LYS A 14 19.93 20.09 43.52
N THR A 15 18.96 20.50 42.71
CA THR A 15 18.37 19.65 41.70
C THR A 15 18.46 20.37 40.37
N ASN A 16 19.27 19.80 39.48
CA ASN A 16 19.45 20.37 38.17
C ASN A 16 18.83 19.48 37.08
N ILE A 17 18.67 20.06 35.90
CA ILE A 17 18.27 19.34 34.71
C ILE A 17 19.41 19.33 33.71
N ALA A 18 19.80 18.13 33.31
CA ALA A 18 20.82 17.96 32.29
C ALA A 18 20.28 17.12 31.12
N VAL A 19 20.72 17.47 29.91
CA VAL A 19 20.40 16.67 28.73
C VAL A 19 21.70 16.05 28.22
N LEU A 20 21.67 14.75 27.96
CA LEU A 20 22.87 14.02 27.55
C LEU A 20 22.70 13.38 26.20
N ASN A 21 23.83 13.18 25.52
CA ASN A 21 23.88 12.44 24.28
C ASN A 21 24.75 11.23 24.56
N LEU A 22 24.26 10.07 24.14
CA LEU A 22 24.95 8.80 24.30
C LEU A 22 25.16 8.23 22.89
N GLY A 23 26.36 7.73 22.63
CA GLY A 23 26.68 7.22 21.31
C GLY A 23 27.66 6.07 21.34
N THR A 24 27.44 5.12 20.45
CA THR A 24 28.35 3.99 20.24
C THR A 24 28.45 3.60 18.79
N ASN A 25 29.54 2.91 18.44
CA ASN A 25 29.77 2.42 17.07
C ASN A 25 29.52 0.92 16.92
N ASP A 26 29.31 0.24 18.03
CA ASP A 26 29.15 -1.20 18.07
C ASP A 26 27.70 -1.59 17.78
N ARG A 27 27.43 -1.95 16.52
CA ARG A 27 26.08 -2.32 16.07
C ARG A 27 25.48 -3.47 16.85
N ARG A 28 26.28 -4.52 16.97
CA ARG A 28 25.86 -5.80 17.52
C ARG A 28 25.51 -5.67 19.00
N ASN A 29 26.24 -4.81 19.70
CA ASN A 29 26.04 -4.64 21.14
C ASN A 29 25.48 -3.28 21.55
N ALA A 30 25.02 -2.49 20.58
CA ALA A 30 24.45 -1.15 20.82
C ALA A 30 23.51 -1.08 22.04
N VAL A 31 22.48 -1.92 22.02
CA VAL A 31 21.51 -2.01 23.10
C VAL A 31 22.24 -2.18 24.42
N LEU A 32 23.09 -3.19 24.50
CA LEU A 32 23.83 -3.50 25.72
C LEU A 32 24.73 -2.35 26.20
N ILE A 33 25.52 -1.77 25.28
CA ILE A 33 26.38 -0.62 25.59
C ILE A 33 25.56 0.55 26.12
N LEU A 34 24.57 0.97 25.33
CA LEU A 34 23.75 2.14 25.66
C LEU A 34 22.93 1.97 26.92
N GLU A 35 22.32 0.79 27.08
CA GLU A 35 21.51 0.52 28.27
C GLU A 35 22.35 0.40 29.54
N THR A 36 23.63 0.02 29.40
CA THR A 36 24.59 -0.01 30.53
C THR A 36 24.92 1.43 30.94
N ALA A 37 25.21 2.29 29.96
CA ALA A 37 25.32 3.72 30.20
C ALA A 37 24.06 4.32 30.86
N LEU A 38 22.87 3.99 30.35
CA LEU A 38 21.62 4.42 31.00
C LEU A 38 21.59 4.04 32.46
N HIS A 39 22.00 2.82 32.78
CA HIS A 39 22.01 2.40 34.19
C HIS A 39 23.00 3.17 35.03
N LEU A 40 24.17 3.45 34.48
CA LEU A 40 25.21 4.19 35.21
C LEU A 40 24.75 5.63 35.43
N VAL A 41 24.01 6.18 34.47
CA VAL A 41 23.36 7.48 34.62
C VAL A 41 22.32 7.51 35.75
N GLU A 42 21.42 6.50 35.84
CA GLU A 42 20.46 6.40 36.98
C GLU A 42 21.17 6.26 38.29
N LYS A 43 22.26 5.50 38.27
CA LYS A 43 23.03 5.21 39.48
C LYS A 43 23.81 6.43 39.94
N TYR A 44 24.63 7.01 39.05
CA TYR A 44 25.61 8.01 39.47
C TYR A 44 25.19 9.45 39.29
N LEU A 45 24.23 9.74 38.42
CA LEU A 45 23.92 11.12 38.08
C LEU A 45 22.59 11.68 38.62
N GLY A 46 21.59 10.82 38.80
CA GLY A 46 20.26 11.30 39.21
C GLY A 46 19.18 10.42 38.65
N LYS A 47 18.07 11.03 38.25
CA LYS A 47 16.94 10.28 37.72
C LYS A 47 16.79 10.53 36.22
N ILE A 48 16.57 9.47 35.46
CA ILE A 48 16.26 9.56 34.03
C ILE A 48 14.75 9.83 33.90
N ILE A 49 14.40 10.96 33.28
CA ILE A 49 12.99 11.41 33.16
C ILE A 49 12.53 11.67 31.72
N ASN A 50 13.40 11.38 30.76
CA ASN A 50 13.08 11.38 29.35
C ASN A 50 14.18 10.68 28.56
N THR A 51 13.81 10.05 27.45
CA THR A 51 14.77 9.46 26.50
C THR A 51 14.23 9.67 25.09
N SER A 52 15.11 9.67 24.11
CA SER A 52 14.70 9.70 22.73
C SER A 52 14.55 8.25 22.30
N TYR A 53 14.06 8.04 21.08
CA TYR A 53 14.29 6.78 20.41
C TYR A 53 15.78 6.53 20.18
N LEU A 54 16.09 5.29 19.90
CA LEU A 54 17.42 4.88 19.49
C LEU A 54 17.53 5.13 17.99
N TYR A 55 18.69 5.61 17.53
CA TYR A 55 18.92 5.81 16.07
C TYR A 55 20.19 5.18 15.52
N GLU A 56 20.06 4.61 14.33
CA GLU A 56 21.20 4.28 13.51
C GLU A 56 21.47 5.48 12.64
N THR A 57 22.69 5.97 12.76
CA THR A 57 23.03 7.28 12.28
C THR A 57 24.28 7.33 11.38
N VAL A 58 24.14 8.04 10.27
CA VAL A 58 25.25 8.39 9.37
C VAL A 58 26.22 9.30 10.14
N PRO A 59 27.52 8.93 10.18
CA PRO A 59 28.60 9.75 10.75
C PRO A 59 28.55 11.19 10.27
N GLU A 60 28.70 12.12 11.22
CA GLU A 60 28.72 13.55 10.92
C GLU A 60 29.99 14.20 11.47
N TYR A 61 31.11 13.88 10.84
CA TYR A 61 32.41 14.48 11.19
C TYR A 61 32.59 15.93 10.75
N ILE A 62 32.17 16.25 9.52
CA ILE A 62 32.42 17.57 8.87
C ILE A 62 31.26 18.57 9.13
N VAL A 63 31.49 19.85 8.81
CA VAL A 63 30.52 20.96 8.92
C VAL A 63 29.12 20.61 8.39
N VAL A 82 33.21 -7.09 24.97
CA VAL A 82 32.45 -8.33 24.85
C VAL A 82 31.51 -8.55 26.07
N ASN A 83 31.99 -9.22 27.13
CA ASN A 83 31.15 -9.57 28.29
C ASN A 83 31.78 -9.24 29.66
N TYR A 84 32.74 -8.31 29.65
CA TYR A 84 33.28 -7.70 30.85
C TYR A 84 32.30 -6.69 31.45
N ILE A 85 31.36 -6.23 30.60
CA ILE A 85 30.24 -5.37 31.00
C ILE A 85 29.40 -6.06 32.07
N ASN A 86 29.16 -7.37 31.88
CA ASN A 86 28.45 -8.20 32.84
C ASN A 86 29.20 -8.30 34.17
N GLU A 87 30.54 -8.34 34.10
CA GLU A 87 31.39 -8.44 35.29
C GLU A 87 31.60 -7.10 35.98
N LEU A 88 31.59 -6.01 35.20
CA LEU A 88 31.61 -4.63 35.72
C LEU A 88 30.39 -4.38 36.60
N MET A 89 29.24 -4.86 36.14
CA MET A 89 27.96 -4.67 36.81
C MET A 89 27.88 -5.28 38.20
N GLN A 90 28.77 -6.23 38.49
CA GLN A 90 28.85 -6.86 39.80
C GLN A 90 29.95 -6.27 40.71
N ASN A 91 30.70 -5.32 40.18
CA ASN A 91 31.82 -4.70 40.90
C ASN A 91 31.70 -3.18 41.08
N LEU A 92 30.50 -2.66 40.88
CA LEU A 92 30.30 -1.20 40.90
C LEU A 92 30.37 -0.64 42.30
N GLU A 93 31.05 0.50 42.43
CA GLU A 93 31.06 1.25 43.68
C GLU A 93 29.70 1.90 43.86
N GLU A 94 29.27 2.00 45.11
CA GLU A 94 27.98 2.58 45.46
C GLU A 94 27.98 4.09 45.26
N SER A 95 26.82 4.62 44.84
CA SER A 95 26.61 6.07 44.80
C SER A 95 26.37 6.54 46.22
N LYS A 96 26.76 7.78 46.49
CA LYS A 96 26.45 8.41 47.77
C LYS A 96 25.03 8.96 47.82
N TYR A 97 24.30 8.86 46.70
CA TYR A 97 22.94 9.37 46.61
C TYR A 97 22.00 8.22 46.39
N GLU A 98 20.84 8.31 47.03
CA GLU A 98 19.93 7.16 47.07
C GLU A 98 19.07 7.02 45.82
N GLU A 99 18.91 5.78 45.39
CA GLU A 99 17.93 5.47 44.38
C GLU A 99 16.51 5.58 44.97
N ASN A 100 15.57 6.00 44.13
CA ASN A 100 14.15 6.03 44.47
C ASN A 100 13.44 5.55 43.24
N LYS A 101 12.69 4.46 43.34
CA LYS A 101 12.01 3.90 42.17
C LYS A 101 10.53 4.29 42.17
N GLU A 102 10.11 4.99 43.23
CA GLU A 102 8.76 5.47 43.41
C GLU A 102 8.27 6.20 42.15
N LEU A 103 7.06 5.86 41.71
CA LEU A 103 6.45 6.54 40.59
C LEU A 103 6.21 7.99 40.87
N ILE A 104 6.49 8.83 39.86
CA ILE A 104 6.19 10.28 39.93
C ILE A 104 5.24 10.65 38.81
N ASP A 105 4.41 11.66 39.02
CA ASP A 105 3.49 12.08 37.94
C ASP A 105 3.80 13.45 37.35
N LYS A 106 4.77 14.13 37.95
CA LYS A 106 5.22 15.44 37.54
C LYS A 106 6.64 15.70 38.02
N CYS A 107 7.32 16.62 37.36
CA CYS A 107 8.63 17.04 37.82
C CYS A 107 8.78 18.54 37.59
N GLU A 108 8.75 19.31 38.69
CA GLU A 108 8.73 20.78 38.65
C GLU A 108 9.97 21.37 37.97
N GLU A 109 11.15 20.85 38.30
CA GLU A 109 12.40 21.33 37.71
C GLU A 109 12.40 21.21 36.20
N TYR A 110 11.86 20.10 35.69
CA TYR A 110 11.79 19.82 34.27
C TYR A 110 10.89 20.81 33.55
N GLU A 111 9.73 21.09 34.17
CA GLU A 111 8.80 22.12 33.68
C GLU A 111 9.46 23.50 33.60
N THR A 112 10.20 23.86 34.66
CA THR A 112 10.97 25.09 34.69
C THR A 112 11.99 25.10 33.55
N PHE A 113 12.77 24.03 33.44
CA PHE A 113 13.74 23.84 32.36
C PHE A 113 13.17 24.05 30.95
N LEU A 114 11.99 23.51 30.68
CA LEU A 114 11.34 23.65 29.36
C LEU A 114 10.84 25.09 29.05
N LYS A 115 10.51 25.86 30.09
CA LYS A 115 9.74 27.11 29.94
C LYS A 115 10.37 28.39 29.31
N ASN A 116 11.63 28.78 29.57
CA ASN A 116 12.62 28.15 30.43
C ASN A 116 13.16 29.20 31.39
N GLY A 117 12.79 29.08 32.66
CA GLY A 117 12.95 30.16 33.61
C GLY A 117 13.74 29.91 34.86
N LYS A 118 13.18 30.40 35.97
CA LYS A 118 13.87 30.58 37.26
C LYS A 118 14.44 29.32 37.88
N VAL A 119 15.74 29.11 37.65
CA VAL A 119 16.53 28.11 38.39
C VAL A 119 17.65 28.85 39.14
N ASP A 120 18.39 28.08 39.95
CA ASP A 120 19.57 28.55 40.68
C ASP A 120 20.60 29.15 39.72
N ASN A 121 21.35 30.14 40.20
CA ASN A 121 22.45 30.74 39.44
C ASN A 121 23.58 29.74 39.20
N SER A 122 24.25 29.90 38.06
CA SER A 122 25.37 29.05 37.68
C SER A 122 26.59 29.29 38.58
N ILE A 123 27.23 28.23 39.05
CA ILE A 123 28.43 28.40 39.86
C ILE A 123 29.66 28.53 38.96
N LEU A 124 29.53 28.09 37.70
CA LEU A 124 30.52 28.31 36.69
C LEU A 124 30.17 29.59 35.94
N LYS A 125 31.19 30.37 35.60
CA LYS A 125 31.02 31.66 34.92
C LYS A 125 30.40 31.43 33.56
N GLU A 126 29.38 32.22 33.26
CA GLU A 126 28.68 32.20 31.99
C GLU A 126 29.28 33.19 31.01
N VAL A 127 29.08 32.93 29.71
CA VAL A 127 29.37 33.89 28.64
C VAL A 127 28.07 34.39 28.03
N ASN A 128 28.09 35.52 27.33
CA ASN A 128 26.90 35.94 26.59
C ASN A 128 26.84 35.26 25.20
N VAL A 129 25.72 35.43 24.52
CA VAL A 129 25.45 34.78 23.22
C VAL A 129 26.56 35.02 22.19
N GLU A 130 26.95 36.28 22.04
CA GLU A 130 28.00 36.68 21.10
C GLU A 130 29.31 35.96 21.39
N ASN A 131 29.72 35.92 22.66
CA ASN A 131 30.92 35.18 23.05
C ASN A 131 30.79 33.69 22.76
N TYR A 132 29.63 33.12 23.11
CA TYR A 132 29.40 31.69 22.88
C TYR A 132 29.52 31.34 21.41
N LEU A 133 28.79 32.09 20.57
CA LEU A 133 28.73 31.85 19.14
C LEU A 133 30.10 31.89 18.46
N LEU A 134 30.90 32.90 18.82
CA LEU A 134 32.25 33.04 18.28
C LEU A 134 33.12 31.86 18.70
N GLU A 135 33.15 31.57 20.01
CA GLU A 135 33.94 30.45 20.55
C GLU A 135 33.53 29.10 19.95
N CYS A 136 32.22 28.92 19.77
CA CYS A 136 31.66 27.69 19.20
C CYS A 136 32.07 27.49 17.73
N ASN A 137 31.93 28.54 16.91
CA ASN A 137 32.38 28.51 15.49
C ASN A 137 33.88 28.27 15.37
N ASN A 138 34.65 28.95 16.23
CA ASN A 138 36.09 28.75 16.32
C ASN A 138 36.44 27.26 16.49
N ILE A 139 35.79 26.56 17.41
CA ILE A 139 35.99 25.10 17.60
C ILE A 139 35.62 24.29 16.35
N ILE A 140 34.49 24.60 15.72
CA ILE A 140 34.01 23.85 14.55
C ILE A 140 34.91 23.98 13.32
N VAL A 141 35.28 25.21 12.95
CA VAL A 141 36.18 25.42 11.80
C VAL A 141 37.52 24.69 12.00
N LYS A 142 38.08 24.82 13.19
CA LYS A 142 39.27 24.08 13.64
C LYS A 142 39.09 22.56 13.52
N ASN A 143 37.90 22.07 13.86
CA ASN A 143 37.60 20.64 13.82
C ASN A 143 37.36 20.07 12.43
N ASP A 144 36.69 20.83 11.56
CA ASP A 144 36.48 20.44 10.15
C ASP A 144 37.81 20.33 9.42
N GLU A 145 38.70 21.30 9.67
CA GLU A 145 40.05 21.34 9.12
C GLU A 145 40.90 20.16 9.59
N ILE A 146 40.94 19.92 10.91
CA ILE A 146 41.61 18.74 11.50
C ILE A 146 41.14 17.45 10.83
N MET A 147 39.82 17.28 10.72
CA MET A 147 39.21 16.01 10.30
C MET A 147 39.36 15.68 8.81
N LYS A 148 39.65 16.69 7.97
CA LYS A 148 39.89 16.47 6.53
C LYS A 148 41.25 15.76 6.30
N ASN A 149 41.29 14.50 6.74
CA ASN A 149 42.46 13.63 6.72
C ASN A 149 42.09 12.25 6.20
N ASN A 150 43.04 11.61 5.51
CA ASN A 150 42.93 10.24 5.00
C ASN A 150 44.29 9.75 4.49
N THR A 160 32.55 5.54 7.39
CA THR A 160 32.99 4.17 7.66
C THR A 160 31.89 3.33 8.30
N SER A 161 31.68 3.53 9.61
CA SER A 161 30.73 2.75 10.42
C SER A 161 29.60 3.65 10.92
N TYR A 162 28.39 3.09 11.00
CA TYR A 162 27.23 3.82 11.54
C TYR A 162 27.38 4.17 13.03
N PHE A 163 26.73 5.25 13.45
CA PHE A 163 26.60 5.54 14.87
C PHE A 163 25.26 5.07 15.44
N TYR A 164 25.30 4.73 16.73
CA TYR A 164 24.09 4.40 17.49
C TYR A 164 23.90 5.40 18.60
N ASN A 165 22.91 6.26 18.42
CA ASN A 165 22.67 7.40 19.31
C ASN A 165 21.40 7.37 20.11
N LEU A 166 21.48 8.06 21.24
CA LEU A 166 20.36 8.22 22.15
C LEU A 166 20.56 9.47 23.00
N THR A 167 19.49 10.25 23.23
CA THR A 167 19.54 11.33 24.23
C THR A 167 18.71 11.02 25.48
N VAL A 168 19.10 11.62 26.60
CA VAL A 168 18.39 11.40 27.86
C VAL A 168 18.27 12.73 28.59
N VAL A 169 17.19 12.90 29.34
CA VAL A 169 17.09 13.97 30.30
C VAL A 169 17.29 13.39 31.69
N VAL A 170 18.16 14.04 32.45
CA VAL A 170 18.47 13.66 33.81
C VAL A 170 18.14 14.79 34.78
N LYS A 171 17.37 14.45 35.79
CA LYS A 171 17.17 15.26 36.97
C LYS A 171 18.35 14.90 37.86
N THR A 172 19.35 15.78 37.92
CA THR A 172 20.66 15.47 38.51
C THR A 172 20.93 16.13 39.86
N PHE A 173 21.57 15.39 40.77
CA PHE A 173 22.03 15.96 42.06
C PHE A 173 23.45 16.55 41.94
N VAL A 174 24.03 16.45 40.75
CA VAL A 174 25.38 16.96 40.51
C VAL A 174 25.29 18.47 40.44
N ASN A 175 26.19 19.15 41.17
CA ASN A 175 26.13 20.62 41.33
C ASN A 175 26.22 21.46 40.08
N ASP A 176 27.09 21.05 39.14
CA ASP A 176 27.45 21.86 37.98
C ASP A 176 27.91 20.94 36.84
N PRO A 177 27.90 21.45 35.59
CA PRO A 177 28.33 20.68 34.41
C PRO A 177 29.78 20.23 34.36
N LEU A 178 30.67 20.90 35.09
CA LEU A 178 32.06 20.46 35.06
C LEU A 178 32.17 19.20 35.90
N SER A 179 31.62 19.26 37.11
CA SER A 179 31.45 18.09 37.97
C SER A 179 30.77 16.95 37.24
N MET A 180 29.67 17.25 36.52
CA MET A 180 28.98 16.22 35.77
C MET A 180 29.87 15.60 34.71
N LEU A 181 30.64 16.44 34.01
CA LEU A 181 31.58 15.95 33.02
C LEU A 181 32.63 15.01 33.64
N VAL A 182 33.10 15.35 34.83
CA VAL A 182 34.04 14.51 35.58
C VAL A 182 33.43 13.12 35.85
N VAL A 183 32.23 13.09 36.44
CA VAL A 183 31.53 11.83 36.71
C VAL A 183 31.24 11.02 35.44
N ILE A 184 30.86 11.72 34.36
CA ILE A 184 30.61 11.10 33.06
C ILE A 184 31.86 10.44 32.46
N LYS A 185 33.01 11.08 32.62
CA LYS A 185 34.28 10.53 32.12
C LYS A 185 34.69 9.28 32.90
N TYR A 186 34.36 9.26 34.18
CA TYR A 186 34.54 8.09 35.00
C TYR A 186 33.71 6.91 34.47
N ILE A 187 32.42 7.17 34.23
CA ILE A 187 31.54 6.19 33.61
C ILE A 187 32.18 5.66 32.30
N GLU A 188 32.65 6.58 31.45
CA GLU A 188 33.30 6.18 30.22
C GLU A 188 34.52 5.27 30.46
N GLU A 189 35.36 5.64 31.43
CA GLU A 189 36.49 4.82 31.89
C GLU A 189 36.08 3.44 32.39
N LEU A 190 35.09 3.37 33.30
CA LEU A 190 34.54 2.10 33.81
C LEU A 190 34.11 1.16 32.70
N MET A 191 33.51 1.73 31.66
CA MET A 191 32.97 0.94 30.57
C MET A 191 34.02 0.46 29.56
N LYS A 192 35.17 1.13 29.50
CA LYS A 192 36.27 0.78 28.59
C LYS A 192 37.06 -0.46 29.05
N ARG A 205 35.45 4.82 22.05
CA ARG A 205 34.70 4.46 20.84
C ARG A 205 33.58 3.48 21.17
N ILE A 206 33.77 2.76 22.27
CA ILE A 206 32.76 1.89 22.86
C ILE A 206 31.55 2.74 23.31
N ILE A 207 31.82 3.88 23.94
CA ILE A 207 30.79 4.76 24.46
C ILE A 207 31.25 6.21 24.54
N ASP A 208 30.41 7.09 24.02
CA ASP A 208 30.64 8.53 24.09
C ASP A 208 29.42 9.18 24.74
N ILE A 209 29.63 9.83 25.89
CA ILE A 209 28.58 10.52 26.64
C ILE A 209 28.90 12.02 26.72
N ASP A 210 28.03 12.84 26.13
CA ASP A 210 28.21 14.29 26.12
C ASP A 210 27.10 15.03 26.84
N ILE A 211 27.43 16.19 27.40
CA ILE A 211 26.43 17.07 27.99
C ILE A 211 25.94 18.06 26.95
N LEU A 212 24.66 18.01 26.62
CA LEU A 212 24.12 18.91 25.60
C LEU A 212 23.60 20.19 26.24
N PHE A 213 22.86 20.05 27.33
CA PHE A 213 22.31 21.18 28.08
C PHE A 213 22.48 20.93 29.56
N PHE A 214 22.59 22.02 30.32
CA PHE A 214 22.56 21.97 31.76
C PHE A 214 21.84 23.22 32.21
N ASN A 215 20.60 23.03 32.68
CA ASN A 215 19.72 24.16 33.01
C ASN A 215 19.62 25.14 31.81
N ASP A 216 19.55 26.45 32.08
CA ASP A 216 19.56 27.46 31.01
C ASP A 216 20.95 28.04 30.73
N PHE A 217 21.96 27.46 31.35
CA PHE A 217 23.33 27.98 31.34
C PHE A 217 23.91 28.08 29.95
N THR A 218 24.74 29.10 29.76
CA THR A 218 25.57 29.24 28.53
C THR A 218 27.01 29.40 28.99
N ILE A 219 27.83 28.39 28.72
CA ILE A 219 29.16 28.32 29.28
C ILE A 219 30.17 28.02 28.19
N PHE A 220 31.28 28.75 28.19
CA PHE A 220 32.45 28.38 27.39
C PHE A 220 33.77 28.63 28.14
N MET A 221 34.24 27.61 28.84
CA MET A 221 35.51 27.63 29.56
C MET A 221 36.56 26.95 28.71
N LYS A 222 37.67 27.65 28.46
CA LYS A 222 38.58 27.33 27.37
C LYS A 222 39.79 26.45 27.68
N ASN A 223 40.35 26.57 28.88
CA ASN A 223 41.64 25.93 29.16
C ASN A 223 41.67 25.22 30.51
N ILE A 224 40.73 24.31 30.68
CA ILE A 224 40.52 23.59 31.92
C ILE A 224 41.67 22.65 32.19
N LYS A 225 42.28 22.80 33.37
CA LYS A 225 42.99 21.70 33.96
C LYS A 225 42.60 21.62 35.42
N LEU A 226 42.18 20.42 35.79
CA LEU A 226 41.90 20.04 37.15
C LEU A 226 43.00 19.07 37.48
N GLU A 227 43.65 19.29 38.61
CA GLU A 227 44.64 18.34 39.09
C GLU A 227 43.96 17.09 39.65
N LYS A 228 44.72 16.00 39.70
CA LYS A 228 44.19 14.67 40.05
C LYS A 228 43.43 14.61 41.38
N ASN A 229 43.86 15.40 42.37
CA ASN A 229 43.23 15.42 43.69
C ASN A 229 41.84 16.08 43.64
N MET A 230 41.67 17.05 42.76
CA MET A 230 40.38 17.71 42.55
C MET A 230 39.36 16.78 41.89
N ILE A 231 39.80 16.03 40.87
CA ILE A 231 39.00 14.96 40.29
C ILE A 231 38.61 13.94 41.36
N TYR A 232 39.56 13.52 42.19
CA TYR A 232 39.28 12.58 43.28
C TYR A 232 38.22 13.14 44.22
N LYS A 233 38.36 14.43 44.57
CA LYS A 233 37.43 15.09 45.47
C LYS A 233 36.03 15.17 44.89
N ILE A 234 35.92 15.47 43.59
CA ILE A 234 34.62 15.55 42.88
C ILE A 234 33.96 14.17 42.87
N LEU A 235 34.68 13.16 42.38
CA LEU A 235 34.19 11.79 42.39
C LEU A 235 33.76 11.28 43.76
N SER A 236 34.48 11.68 44.81
CA SER A 236 34.17 11.27 46.19
C SER A 236 32.91 11.91 46.73
N LYS A 237 32.56 13.09 46.24
CA LYS A 237 31.32 13.74 46.63
C LYS A 237 30.11 12.89 46.21
N TYR A 238 30.25 12.18 45.09
CA TYR A 238 29.15 11.46 44.48
C TYR A 238 29.22 9.93 44.59
N ILE A 239 30.42 9.39 44.72
CA ILE A 239 30.67 7.94 44.66
C ILE A 239 31.49 7.46 45.87
N HIS A 240 31.06 6.35 46.50
CA HIS A 240 31.81 5.69 47.58
C HIS A 240 33.01 5.01 46.94
N LEU A 241 34.08 5.78 46.74
CA LEU A 241 35.25 5.31 45.99
C LEU A 241 36.02 4.21 46.73
N GLU A 242 36.34 3.16 45.98
CA GLU A 242 37.08 2.01 46.49
C GLU A 242 38.33 1.78 45.65
N ILE A 305 42.66 5.10 35.58
CA ILE A 305 42.00 5.65 36.77
C ILE A 305 41.80 7.17 36.55
N ILE A 306 42.19 7.97 37.54
CA ILE A 306 42.12 9.44 37.49
C ILE A 306 43.18 10.00 36.53
N ASN A 307 44.31 9.29 36.43
CA ASN A 307 45.43 9.59 35.53
C ASN A 307 45.00 9.97 34.10
N ASN A 308 44.07 9.20 33.54
CA ASN A 308 43.47 9.45 32.22
C ASN A 308 42.65 10.73 32.14
N MET A 309 41.81 10.96 33.15
CA MET A 309 40.80 12.03 33.13
C MET A 309 41.38 13.45 33.12
N VAL A 310 42.56 13.63 33.69
CA VAL A 310 43.25 14.93 33.76
C VAL A 310 43.52 15.48 32.34
N ASP A 311 44.04 14.60 31.48
CA ASP A 311 44.31 14.89 30.08
C ASP A 311 43.02 15.20 29.30
N ASN A 312 41.98 14.39 29.55
CA ASN A 312 40.77 14.38 28.76
C ASN A 312 39.84 15.59 28.86
N ILE A 313 39.83 16.28 30.00
CA ILE A 313 38.96 17.45 30.16
C ILE A 313 39.70 18.75 29.79
N GLU A 314 39.66 19.10 28.50
CA GLU A 314 40.38 20.26 27.96
C GLU A 314 39.55 21.54 28.04
N PHE A 315 38.26 21.44 27.70
CA PHE A 315 37.35 22.59 27.75
C PHE A 315 35.89 22.20 28.04
N LEU A 316 35.04 23.17 28.36
CA LEU A 316 33.62 22.90 28.56
C LEU A 316 32.70 23.84 27.79
N SER A 317 31.93 23.28 26.88
CA SER A 317 30.93 24.07 26.15
C SER A 317 29.49 23.63 26.49
N ILE A 318 28.71 24.54 27.06
CA ILE A 318 27.27 24.38 27.24
C ILE A 318 26.54 25.51 26.52
N PRO A 319 25.67 25.24 25.54
CA PRO A 319 25.37 23.92 24.99
C PRO A 319 26.56 23.27 24.34
N HIS A 320 26.50 21.95 24.18
CA HIS A 320 27.50 21.27 23.37
C HIS A 320 27.62 21.99 22.03
N VAL A 321 28.86 22.14 21.60
CA VAL A 321 29.25 22.79 20.35
C VAL A 321 28.49 22.22 19.16
N TYR A 322 28.32 20.90 19.14
CA TYR A 322 27.71 20.23 18.00
C TYR A 322 26.18 20.13 17.99
N THR A 323 25.53 20.60 19.06
CA THR A 323 24.07 20.55 19.24
C THR A 323 23.26 20.92 17.98
N THR A 324 23.59 22.05 17.37
CA THR A 324 22.84 22.57 16.20
C THR A 324 23.43 22.12 14.86
N HIS A 325 24.59 21.48 14.89
CA HIS A 325 25.31 21.12 13.67
C HIS A 325 25.13 19.65 13.26
N ARG A 326 24.81 18.78 14.22
CA ARG A 326 24.56 17.37 13.92
C ARG A 326 23.10 17.01 13.83
N TYR A 327 22.70 16.46 12.68
CA TYR A 327 21.35 15.95 12.49
C TYR A 327 21.00 14.93 13.57
N SER A 328 21.90 13.99 13.85
CA SER A 328 21.67 12.92 14.79
C SER A 328 21.32 13.43 16.19
N ILE A 329 21.95 14.53 16.61
CA ILE A 329 21.60 15.20 17.86
C ILE A 329 20.21 15.81 17.73
N LEU A 330 19.95 16.55 16.67
CA LEU A 330 18.65 17.22 16.55
C LEU A 330 17.50 16.24 16.41
N LEU A 331 17.77 15.11 15.73
CA LEU A 331 16.85 13.99 15.61
C LEU A 331 16.43 13.41 16.96
N CYS A 332 17.39 13.28 17.87
CA CYS A 332 17.13 12.74 19.18
C CYS A 332 16.38 13.76 20.05
N LEU A 333 16.83 15.01 20.03
CA LEU A 333 16.16 16.05 20.80
C LEU A 333 14.72 16.29 20.37
N ASN A 334 14.45 16.17 19.08
CA ASN A 334 13.08 16.32 18.55
C ASN A 334 12.06 15.36 19.20
N ASP A 335 12.52 14.19 19.64
CA ASP A 335 11.67 13.23 20.30
C ASP A 335 11.30 13.69 21.70
N MET A 336 12.22 14.38 22.37
CA MET A 336 12.09 14.65 23.80
C MET A 336 11.59 16.04 24.10
N ILE A 337 12.29 17.04 23.58
CA ILE A 337 12.06 18.43 23.99
C ILE A 337 11.84 19.31 22.75
N PRO A 338 10.81 18.97 21.93
CA PRO A 338 10.71 19.73 20.67
C PRO A 338 10.41 21.24 20.83
N GLU A 339 9.67 21.63 21.88
CA GLU A 339 9.31 23.05 22.08
C GLU A 339 10.39 23.89 22.76
N TYR A 340 11.54 23.28 23.02
CA TYR A 340 12.54 23.91 23.86
C TYR A 340 13.39 24.91 23.08
N LYS A 341 13.56 26.09 23.68
CA LYS A 341 14.40 27.13 23.10
C LYS A 341 15.43 27.63 24.09
N HIS A 342 16.67 27.21 23.90
CA HIS A 342 17.80 27.76 24.61
C HIS A 342 18.17 29.16 24.04
N ASN A 343 18.70 30.02 24.91
CA ASN A 343 19.14 31.39 24.55
C ASN A 343 20.03 31.50 23.32
N VAL A 344 21.00 30.60 23.20
CA VAL A 344 21.93 30.60 22.08
C VAL A 344 21.37 29.96 20.80
N LEU A 345 20.11 29.52 20.83
CA LEU A 345 19.48 28.91 19.64
C LEU A 345 18.52 29.84 18.89
N ASN A 346 18.62 29.84 17.56
CA ASN A 346 17.78 30.68 16.69
C ASN A 346 16.30 30.32 16.75
N ASN A 347 16.00 29.10 17.22
CA ASN A 347 14.63 28.62 17.30
C ASN A 347 14.47 27.41 18.21
N THR A 348 13.24 26.93 18.30
CA THR A 348 12.90 25.72 19.05
C THR A 348 13.59 24.52 18.42
N ILE A 349 13.76 23.46 19.19
CA ILE A 349 14.37 22.24 18.67
C ILE A 349 13.58 21.66 17.51
N ARG A 350 12.25 21.67 17.60
CA ARG A 350 11.46 21.21 16.46
C ARG A 350 11.72 22.04 15.21
N CYS A 351 11.71 23.37 15.32
CA CYS A 351 11.98 24.22 14.14
C CYS A 351 13.36 23.97 13.56
N LEU A 352 14.39 23.95 14.41
CA LEU A 352 15.75 23.63 13.97
C LEU A 352 15.84 22.28 13.29
N TYR A 353 15.09 21.31 13.81
CA TYR A 353 15.06 19.98 13.23
C TYR A 353 14.48 20.03 11.82
N ASN A 354 13.30 20.66 11.69
CA ASN A 354 12.54 20.68 10.45
C ASN A 354 13.28 21.40 9.34
N LYS A 355 13.92 22.51 9.73
CA LYS A 355 14.72 23.31 8.83
C LYS A 355 15.90 22.51 8.33
N TYR A 356 16.54 21.74 9.20
CA TYR A 356 17.61 20.85 8.77
C TYR A 356 17.15 19.84 7.72
N VAL A 357 16.00 19.19 7.96
CA VAL A 357 15.40 18.23 7.01
C VAL A 357 15.19 18.84 5.62
N SER A 358 14.62 20.05 5.58
CA SER A 358 14.32 20.74 4.33
C SER A 358 15.60 21.28 3.66
N ARG A 359 16.52 21.85 4.44
CA ARG A 359 17.85 22.24 3.95
C ARG A 359 18.58 21.14 3.18
N MET A 360 18.41 19.89 3.60
CA MET A 360 18.98 18.76 2.86
C MET A 360 18.20 18.45 1.57
N LYS A 361 16.86 18.53 1.62
CA LYS A 361 16.02 18.31 0.42
C LYS A 361 16.19 19.41 -0.66
N GLU A 362 16.13 20.67 -0.25
CA GLU A 362 16.19 21.81 -1.18
C GLU A 362 17.61 22.10 -1.71
N GLN A 363 18.59 22.16 -0.82
CA GLN A 363 19.97 22.50 -1.22
C GLN A 363 20.79 21.32 -1.76
N TYR A 364 20.44 20.09 -1.36
CA TYR A 364 21.25 18.90 -1.68
C TYR A 364 20.51 17.72 -2.34
N ASN A 365 19.17 17.80 -2.37
CA ASN A 365 18.27 16.72 -2.84
C ASN A 365 18.34 15.39 -2.03
N ILE A 366 18.90 15.48 -0.81
CA ILE A 366 18.99 14.37 0.12
C ILE A 366 17.76 14.35 1.02
N ASN A 367 17.08 13.21 1.08
CA ASN A 367 16.15 12.94 2.17
C ASN A 367 16.96 12.30 3.29
N ILE A 368 17.30 13.15 4.28
CA ILE A 368 18.19 12.80 5.40
C ILE A 368 17.63 11.67 6.29
N LYS A 369 16.33 11.43 6.20
CA LYS A 369 15.65 10.39 6.98
C LYS A 369 16.03 8.97 6.55
N GLU A 370 16.23 8.79 5.24
CA GLU A 370 16.49 7.48 4.62
C GLU A 370 17.63 6.66 5.22
N ASN A 371 18.72 7.32 5.61
CA ASN A 371 19.88 6.63 6.22
C ASN A 371 20.09 6.90 7.72
N ASN A 372 19.12 7.59 8.33
CA ASN A 372 19.11 7.77 9.78
C ASN A 372 17.85 7.13 10.33
N LYS A 373 17.98 5.88 10.75
CA LYS A 373 16.80 5.03 11.05
C LYS A 373 16.43 5.01 12.53
N ARG A 374 15.14 5.20 12.80
CA ARG A 374 14.57 4.96 14.12
C ARG A 374 14.57 3.48 14.50
N ILE A 375 14.94 3.21 15.75
CA ILE A 375 15.03 1.87 16.28
C ILE A 375 14.10 1.65 17.48
N TYR A 376 13.43 0.50 17.52
CA TYR A 376 12.76 0.04 18.73
C TYR A 376 13.40 -1.27 19.21
N VAL A 377 13.18 -1.64 20.48
CA VAL A 377 13.81 -2.82 21.04
C VAL A 377 12.78 -3.69 21.70
N LEU A 378 12.66 -4.94 21.21
CA LEU A 378 11.72 -5.90 21.76
C LEU A 378 12.32 -6.66 22.92
N LYS A 379 13.56 -7.13 22.75
CA LYS A 379 14.25 -7.81 23.83
C LYS A 379 15.66 -7.23 24.02
N ASP A 380 16.62 -7.63 23.20
CA ASP A 380 18.00 -7.15 23.36
C ASP A 380 18.72 -6.78 22.07
N ARG A 381 17.97 -6.79 20.97
CA ARG A 381 18.48 -6.52 19.64
C ARG A 381 17.78 -5.31 19.02
N ILE A 382 18.44 -4.72 18.04
CA ILE A 382 17.93 -3.62 17.24
C ILE A 382 16.84 -4.11 16.29
N SER A 383 15.71 -3.41 16.25
CA SER A 383 14.74 -3.54 15.16
C SER A 383 14.60 -2.18 14.52
N TYR A 384 14.62 -2.15 13.19
CA TYR A 384 14.37 -0.90 12.49
C TYR A 384 12.88 -0.67 12.41
N LEU A 385 12.45 0.48 12.91
CA LEU A 385 11.07 0.86 12.85
C LEU A 385 10.54 0.79 11.44
N LYS A 386 9.38 0.14 11.32
CA LYS A 386 8.67 -0.03 10.05
C LYS A 386 9.37 -0.95 9.03
N GLU A 387 10.37 -1.70 9.45
CA GLU A 387 11.07 -2.56 8.47
C GLU A 387 10.60 -4.01 8.37
N LYS A 388 9.84 -4.47 9.36
CA LYS A 388 9.37 -5.85 9.40
C LYS A 388 8.05 -5.96 10.17
N THR A 389 7.04 -6.55 9.53
CA THR A 389 5.86 -6.97 10.25
C THR A 389 6.11 -8.31 10.95
N ASN A 390 6.29 -8.23 12.28
CA ASN A 390 6.51 -9.41 13.11
C ASN A 390 5.22 -10.07 13.49
N ILE A 391 5.23 -11.39 13.50
CA ILE A 391 4.06 -12.15 13.94
C ILE A 391 4.21 -12.44 15.43
N VAL A 392 3.15 -12.12 16.17
CA VAL A 392 3.02 -12.47 17.58
C VAL A 392 1.97 -13.58 17.69
N GLY A 393 2.42 -14.79 18.07
CA GLY A 393 1.51 -15.94 18.17
C GLY A 393 0.80 -15.95 19.52
N ILE A 394 -0.52 -16.15 19.51
CA ILE A 394 -1.32 -16.13 20.72
C ILE A 394 -1.38 -17.51 21.41
N LEU A 395 -1.00 -17.54 22.69
CA LEU A 395 -1.15 -18.72 23.53
C LEU A 395 -2.06 -18.43 24.71
N ASN A 396 -3.32 -18.87 24.58
CA ASN A 396 -4.31 -18.80 25.65
C ASN A 396 -4.20 -20.04 26.52
N VAL A 397 -4.01 -19.83 27.82
CA VAL A 397 -4.01 -20.93 28.78
C VAL A 397 -5.32 -20.84 29.56
N ASN A 398 -6.18 -21.85 29.34
CA ASN A 398 -7.45 -22.05 30.06
C ASN A 398 -7.93 -23.50 29.83
N TYR A 399 -7.94 -24.32 30.91
CA TYR A 399 -8.31 -25.75 30.82
C TYR A 399 -9.10 -26.25 32.02
N VAL A 409 -5.94 -28.35 33.53
CA VAL A 409 -4.65 -27.77 33.14
C VAL A 409 -3.83 -28.70 32.23
N GLU A 410 -3.23 -28.13 31.19
CA GLU A 410 -2.31 -28.86 30.30
C GLU A 410 -1.03 -28.06 29.96
N PRO A 411 -0.05 -28.00 30.90
CA PRO A 411 1.20 -27.29 30.58
C PRO A 411 2.04 -27.94 29.47
N LYS A 412 2.01 -29.26 29.34
CA LYS A 412 2.76 -29.97 28.29
C LYS A 412 2.19 -29.68 26.89
N ARG A 413 0.86 -29.72 26.77
CA ARG A 413 0.17 -29.40 25.53
C ARG A 413 0.41 -27.93 25.10
N ALA A 414 0.39 -27.03 26.07
CA ALA A 414 0.63 -25.60 25.85
C ALA A 414 2.06 -25.35 25.35
N VAL A 415 3.03 -26.05 25.93
CA VAL A 415 4.44 -25.93 25.51
C VAL A 415 4.66 -26.52 24.12
N GLN A 416 3.95 -27.60 23.78
CA GLN A 416 3.95 -28.17 22.43
C GLN A 416 3.43 -27.17 21.39
N ARG A 417 2.32 -26.50 21.75
CA ARG A 417 1.75 -25.42 20.95
C ARG A 417 2.76 -24.28 20.74
N MET A 418 3.46 -23.89 21.82
CA MET A 418 4.51 -22.88 21.74
C MET A 418 5.55 -23.24 20.68
N PHE A 419 6.07 -24.47 20.79
CA PHE A 419 7.00 -25.02 19.80
C PHE A 419 6.43 -25.13 18.39
N GLU A 420 5.16 -25.53 18.28
CA GLU A 420 4.46 -25.51 17.00
C GLU A 420 4.53 -24.11 16.40
N MET A 421 4.20 -23.09 17.20
CA MET A 421 4.12 -21.70 16.74
C MET A 421 5.44 -21.14 16.22
N ILE A 422 6.53 -21.51 16.90
CA ILE A 422 7.89 -21.16 16.47
C ILE A 422 8.12 -21.67 15.05
N ASN A 423 7.86 -22.96 14.84
CA ASN A 423 8.03 -23.61 13.54
C ASN A 423 7.11 -23.02 12.49
N GLU A 424 5.90 -22.64 12.90
CA GLU A 424 4.94 -21.99 12.01
C GLU A 424 5.39 -20.58 11.59
N GLY A 425 6.36 -20.01 12.30
CA GLY A 425 6.97 -18.73 11.93
C GLY A 425 6.86 -17.52 12.87
N ALA A 426 6.31 -17.71 14.08
CA ALA A 426 6.17 -16.63 15.06
C ALA A 426 7.50 -16.16 15.67
N SER A 427 7.76 -14.85 15.63
CA SER A 427 8.94 -14.25 16.30
C SER A 427 8.72 -14.03 17.82
N VAL A 428 7.45 -13.88 18.19
CA VAL A 428 7.07 -13.47 19.53
C VAL A 428 5.90 -14.38 19.90
N ILE A 429 5.89 -14.82 21.17
CA ILE A 429 4.80 -15.61 21.73
C ILE A 429 4.14 -14.77 22.84
N ASP A 430 2.84 -14.51 22.72
CA ASP A 430 2.12 -13.76 23.74
C ASP A 430 1.25 -14.73 24.56
N ILE A 431 1.66 -14.97 25.81
CA ILE A 431 0.94 -15.89 26.70
C ILE A 431 0.06 -15.14 27.69
N GLY A 432 -1.16 -15.64 27.89
CA GLY A 432 -2.10 -15.05 28.83
C GLY A 432 -3.12 -16.03 29.39
N GLY A 433 -3.31 -15.96 30.71
CA GLY A 433 -4.29 -16.76 31.42
C GLY A 433 -5.64 -16.09 31.47
N GLU A 434 -5.64 -14.79 31.83
CA GLU A 434 -6.81 -13.90 31.85
C GLU A 434 -7.48 -13.83 30.45
N SER A 435 -8.81 -13.70 30.44
CA SER A 435 -9.57 -13.66 29.18
C SER A 435 -10.28 -12.32 28.95
N LYS A 445 -12.14 -19.82 40.68
CA LYS A 445 -11.41 -21.05 40.40
C LYS A 445 -9.88 -20.78 40.38
N ILE A 446 -9.13 -21.59 39.62
CA ILE A 446 -7.65 -21.55 39.51
C ILE A 446 -7.06 -20.15 39.16
N SER A 447 -6.02 -19.74 39.90
CA SER A 447 -5.36 -18.43 39.74
C SER A 447 -4.60 -18.28 38.40
N GLU A 448 -4.52 -17.03 37.93
CA GLU A 448 -3.76 -16.65 36.72
C GLU A 448 -2.31 -17.16 36.77
N ARG A 449 -1.67 -16.95 37.92
CA ARG A 449 -0.32 -17.43 38.16
C ARG A 449 -0.17 -18.95 37.90
N ASP A 450 -1.19 -19.71 38.29
CA ASP A 450 -1.11 -21.16 38.20
C ASP A 450 -1.38 -21.65 36.78
N LEU A 451 -2.11 -20.85 36.01
CA LEU A 451 -2.23 -21.08 34.56
C LEU A 451 -0.93 -20.76 33.80
N VAL A 452 -0.31 -19.60 34.04
CA VAL A 452 0.80 -19.17 33.17
C VAL A 452 2.21 -19.59 33.60
N VAL A 453 2.57 -19.43 34.88
CA VAL A 453 3.94 -19.70 35.31
C VAL A 453 4.41 -21.15 35.03
N PRO A 454 3.58 -22.19 35.35
CA PRO A 454 4.10 -23.54 35.08
C PRO A 454 4.38 -23.79 33.59
N VAL A 455 3.50 -23.29 32.72
CA VAL A 455 3.74 -23.29 31.25
C VAL A 455 5.07 -22.61 30.87
N LEU A 456 5.31 -21.43 31.43
CA LEU A 456 6.54 -20.72 31.11
C LEU A 456 7.78 -21.40 31.65
N GLN A 457 7.64 -22.02 32.83
CA GLN A 457 8.73 -22.75 33.47
C GLN A 457 9.06 -23.99 32.67
N LEU A 458 8.01 -24.69 32.21
CA LEU A 458 8.19 -25.88 31.36
C LEU A 458 8.84 -25.52 30.03
N PHE A 459 8.31 -24.49 29.35
CA PHE A 459 8.90 -24.02 28.10
C PHE A 459 10.39 -23.70 28.27
N GLN A 460 10.71 -22.91 29.29
CA GLN A 460 12.09 -22.52 29.62
C GLN A 460 13.01 -23.75 29.76
N LYS A 461 12.50 -24.79 30.42
CA LYS A 461 13.24 -26.04 30.62
C LYS A 461 13.44 -26.73 29.29
N GLU A 462 12.32 -26.94 28.58
CA GLU A 462 12.30 -27.65 27.32
C GLU A 462 13.15 -26.98 26.23
N TRP A 463 13.14 -25.64 26.19
CA TRP A 463 14.03 -24.89 25.29
C TRP A 463 15.54 -25.04 25.65
N ASN A 464 15.83 -25.14 26.95
CA ASN A 464 17.22 -25.27 27.43
C ASN A 464 17.73 -26.70 27.21
N ASP A 465 16.83 -27.67 27.33
CA ASP A 465 17.16 -29.09 27.10
C ASP A 465 17.10 -29.44 25.61
N ILE A 466 17.31 -28.43 24.77
CA ILE A 466 17.43 -28.63 23.34
C ILE A 466 18.79 -29.30 23.08
N LYS A 467 18.72 -30.57 22.67
CA LYS A 467 19.89 -31.38 22.32
C LYS A 467 20.30 -31.14 20.86
N ASN A 468 19.51 -30.30 20.17
CA ASN A 468 19.85 -29.76 18.85
C ASN A 468 21.01 -28.75 18.93
N LYS A 469 21.22 -28.02 17.84
CA LYS A 469 22.32 -27.07 17.71
C LYS A 469 22.29 -25.98 18.78
N ILE A 470 23.32 -25.98 19.63
CA ILE A 470 23.52 -24.94 20.65
C ILE A 470 23.99 -23.63 19.98
N VAL A 471 24.44 -23.74 18.72
CA VAL A 471 24.66 -22.60 17.82
C VAL A 471 23.30 -21.97 17.44
N LYS A 472 22.30 -22.82 17.20
CA LYS A 472 20.92 -22.37 16.98
C LYS A 472 20.26 -21.97 18.31
N CYS A 473 20.74 -20.85 18.86
CA CYS A 473 20.25 -20.28 20.12
C CYS A 473 19.69 -18.86 19.91
N ASP A 474 19.98 -18.27 18.74
CA ASP A 474 19.35 -17.00 18.32
C ASP A 474 18.07 -17.23 17.48
N ALA A 475 17.53 -18.44 17.60
CA ALA A 475 16.22 -18.83 17.03
C ALA A 475 15.13 -18.84 18.13
N LYS A 476 15.47 -18.31 19.30
CA LYS A 476 14.53 -18.31 20.44
C LYS A 476 13.52 -17.19 20.27
N PRO A 477 12.23 -17.52 20.43
CA PRO A 477 11.22 -16.47 20.37
C PRO A 477 11.29 -15.56 21.60
N ILE A 478 10.97 -14.30 21.37
CA ILE A 478 10.74 -13.33 22.40
C ILE A 478 9.40 -13.69 23.07
N ILE A 479 9.41 -13.73 24.40
CA ILE A 479 8.22 -14.09 25.18
C ILE A 479 7.53 -12.85 25.77
N SER A 480 6.24 -12.76 25.52
CA SER A 480 5.44 -11.69 26.04
C SER A 480 4.32 -12.24 26.92
N ILE A 481 4.06 -11.54 28.03
CA ILE A 481 2.98 -11.93 28.92
C ILE A 481 1.86 -10.89 29.00
N ASP A 482 0.68 -11.37 28.62
CA ASP A 482 -0.53 -10.60 28.59
C ASP A 482 -1.12 -10.63 30.00
N THR A 483 -0.65 -9.69 30.82
CA THR A 483 -1.11 -9.55 32.21
C THR A 483 -1.19 -8.08 32.64
N ILE A 484 -2.15 -7.77 33.54
CA ILE A 484 -2.19 -6.47 34.24
C ILE A 484 -1.84 -6.64 35.71
N ASN A 485 -1.52 -7.87 36.10
CA ASN A 485 -1.30 -8.15 37.50
C ASN A 485 0.18 -8.23 37.88
N TYR A 486 0.55 -7.28 38.74
CA TYR A 486 1.85 -7.16 39.35
C TYR A 486 2.45 -8.50 39.85
N ASN A 487 1.70 -9.28 40.64
CA ASN A 487 2.25 -10.52 41.23
C ASN A 487 2.72 -11.50 40.18
N VAL A 488 1.94 -11.64 39.11
CA VAL A 488 2.25 -12.56 38.03
C VAL A 488 3.48 -12.08 37.28
N PHE A 489 3.50 -10.81 36.89
CA PHE A 489 4.65 -10.27 36.16
C PHE A 489 5.90 -10.32 37.00
N LYS A 490 5.76 -10.03 38.29
CA LYS A 490 6.88 -10.08 39.21
C LYS A 490 7.51 -11.49 39.27
N GLU A 491 6.69 -12.53 39.27
CA GLU A 491 7.22 -13.88 39.34
C GLU A 491 7.93 -14.27 38.04
N CYS A 492 7.34 -13.91 36.90
CA CYS A 492 7.96 -14.21 35.61
C CYS A 492 9.31 -13.54 35.43
N VAL A 493 9.38 -12.28 35.83
CA VAL A 493 10.58 -11.47 35.65
C VAL A 493 11.73 -11.98 36.52
N ASP A 494 11.44 -12.36 37.75
CA ASP A 494 12.46 -12.83 38.68
C ASP A 494 13.05 -14.16 38.24
N ASN A 495 12.24 -14.92 37.52
CA ASN A 495 12.59 -16.25 37.07
C ASN A 495 13.05 -16.30 35.62
N ASP A 496 13.32 -15.13 35.04
CA ASP A 496 13.75 -14.97 33.65
C ASP A 496 12.88 -15.73 32.65
N LEU A 497 11.56 -15.62 32.81
CA LEU A 497 10.60 -16.37 32.01
C LEU A 497 9.96 -15.56 30.89
N VAL A 498 10.12 -14.24 30.91
CA VAL A 498 9.49 -13.34 29.93
C VAL A 498 10.39 -12.19 29.54
N ASP A 499 10.13 -11.63 28.35
CA ASP A 499 10.85 -10.45 27.89
C ASP A 499 9.97 -9.20 27.89
N ILE A 500 8.67 -9.33 27.57
CA ILE A 500 7.79 -8.19 27.35
C ILE A 500 6.52 -8.28 28.18
N LEU A 501 6.11 -7.14 28.73
CA LEU A 501 4.83 -6.99 29.37
C LEU A 501 3.80 -6.51 28.35
N ASN A 502 2.74 -7.29 28.14
CA ASN A 502 1.60 -6.84 27.35
C ASN A 502 0.49 -6.42 28.31
N ASP A 503 0.45 -5.14 28.66
CA ASP A 503 -0.53 -4.62 29.65
C ASP A 503 -1.67 -3.95 28.91
N ILE A 504 -2.84 -4.57 28.95
CA ILE A 504 -3.99 -4.09 28.22
C ILE A 504 -4.66 -2.87 28.87
N SER A 505 -4.21 -2.49 30.06
CA SER A 505 -4.70 -1.28 30.69
C SER A 505 -3.67 -0.15 30.54
N ALA A 506 -2.61 -0.41 29.76
CA ALA A 506 -1.54 0.57 29.52
C ALA A 506 -0.87 1.01 30.84
N CYS A 507 -0.74 0.02 31.73
CA CYS A 507 -0.15 0.18 33.06
C CYS A 507 -0.98 1.05 34.01
N THR A 508 -2.28 1.21 33.74
CA THR A 508 -3.14 2.07 34.57
C THR A 508 -3.77 1.29 35.73
N ASN A 509 -3.95 -0.02 35.54
CA ASN A 509 -4.54 -0.82 36.60
C ASN A 509 -3.69 -0.83 37.86
N ASN A 510 -2.40 -1.09 37.66
CA ASN A 510 -1.44 -0.94 38.72
C ASN A 510 -0.12 -0.40 38.17
N PRO A 511 0.06 0.93 38.24
CA PRO A 511 1.27 1.54 37.70
C PRO A 511 2.55 1.07 38.40
N GLU A 512 2.43 0.39 39.53
CA GLU A 512 3.59 -0.16 40.24
C GLU A 512 4.35 -1.16 39.37
N ILE A 513 3.63 -1.87 38.51
CA ILE A 513 4.22 -2.75 37.50
C ILE A 513 5.38 -2.07 36.72
N ILE A 514 5.31 -0.76 36.57
CA ILE A 514 6.31 0.01 35.83
C ILE A 514 7.71 -0.13 36.48
N LYS A 515 7.74 -0.28 37.81
CA LYS A 515 8.96 -0.55 38.55
C LYS A 515 9.62 -1.88 38.14
N LEU A 516 8.82 -2.83 37.66
CA LEU A 516 9.34 -4.16 37.30
C LEU A 516 9.96 -4.21 35.92
N LEU A 517 9.76 -3.13 35.15
CA LEU A 517 10.34 -2.97 33.82
C LEU A 517 11.81 -2.58 33.86
N LYS A 518 12.25 -2.11 35.03
CA LYS A 518 13.65 -1.75 35.27
C LYS A 518 14.22 -2.74 36.29
N LYS A 519 15.23 -3.48 35.87
CA LYS A 519 16.10 -4.24 36.77
C LYS A 519 17.42 -3.47 36.65
N LYS A 520 18.38 -3.65 37.54
CA LYS A 520 19.57 -2.76 37.52
C LYS A 520 20.30 -2.71 36.19
N ASN A 521 20.75 -3.86 35.68
CA ASN A 521 21.35 -3.93 34.33
C ASN A 521 20.31 -3.98 33.19
N LYS A 522 19.10 -4.46 33.52
CA LYS A 522 18.14 -4.83 32.50
C LYS A 522 16.88 -3.96 32.40
N PHE A 523 16.45 -3.75 31.16
CA PHE A 523 15.17 -3.13 30.87
C PHE A 523 14.24 -4.10 30.13
N TYR A 524 12.95 -4.07 30.44
CA TYR A 524 11.97 -4.85 29.68
C TYR A 524 11.11 -3.96 28.81
N SER A 525 10.68 -4.48 27.67
CA SER A 525 9.75 -3.75 26.81
C SER A 525 8.30 -3.99 27.23
N VAL A 526 7.39 -3.17 26.67
CA VAL A 526 6.03 -3.10 27.15
C VAL A 526 5.06 -2.67 26.06
N VAL A 527 3.94 -3.36 25.94
CA VAL A 527 2.85 -2.94 25.06
C VAL A 527 1.85 -2.15 25.87
N LEU A 528 1.54 -0.95 25.40
CA LEU A 528 0.50 -0.15 26.00
C LEU A 528 -0.68 -0.18 25.08
N MET A 529 -1.79 -0.71 25.57
CA MET A 529 -3.00 -0.83 24.78
C MET A 529 -4.12 0.08 25.34
N HIS A 530 -4.96 0.59 24.44
CA HIS A 530 -6.10 1.37 24.84
C HIS A 530 -7.33 0.49 25.05
N LYS A 531 -7.96 0.66 26.21
CA LYS A 531 -9.35 0.23 26.42
C LYS A 531 -10.07 1.15 27.37
N ARG A 532 -11.38 0.98 27.46
CA ARG A 532 -12.18 1.56 28.55
C ARG A 532 -12.90 0.43 29.25
N GLY A 533 -13.01 0.54 30.57
CA GLY A 533 -13.80 -0.39 31.38
C GLY A 533 -13.20 -1.79 31.53
N ASN A 534 -14.09 -2.76 31.69
CA ASN A 534 -13.74 -4.18 31.80
C ASN A 534 -14.61 -4.95 30.77
N PRO A 535 -14.46 -6.31 30.64
CA PRO A 535 -15.17 -7.03 29.55
C PRO A 535 -16.70 -6.90 29.53
N HIS A 536 -17.30 -6.64 30.70
CA HIS A 536 -18.76 -6.56 30.83
C HIS A 536 -19.34 -5.16 30.66
N THR A 537 -18.51 -4.13 30.92
CA THR A 537 -18.89 -2.69 30.74
C THR A 537 -18.42 -2.09 29.41
N MET A 538 -17.49 -2.79 28.76
CA MET A 538 -16.75 -2.37 27.56
C MET A 538 -17.59 -1.86 26.39
N ASP A 539 -18.58 -2.65 25.97
CA ASP A 539 -19.41 -2.39 24.78
C ASP A 539 -20.32 -1.16 24.94
N LYS A 540 -20.49 -0.73 26.19
CA LYS A 540 -21.26 0.47 26.51
C LYS A 540 -20.47 1.77 26.29
N LEU A 541 -19.18 1.74 26.60
CA LEU A 541 -18.35 2.96 26.74
C LEU A 541 -17.77 3.46 25.40
N THR A 542 -18.67 3.74 24.47
CA THR A 542 -18.36 3.81 23.05
C THR A 542 -18.26 5.22 22.46
N ASN A 543 -18.58 6.26 23.25
CA ASN A 543 -18.57 7.65 22.77
C ASN A 543 -17.18 8.23 22.77
N TYR A 544 -16.81 8.83 21.65
CA TYR A 544 -15.53 9.50 21.50
C TYR A 544 -15.81 10.76 20.72
N ASP A 545 -15.28 11.89 21.17
CA ASP A 545 -15.35 13.13 20.41
C ASP A 545 -14.58 13.06 19.09
N ASN A 546 -13.40 12.42 19.13
CA ASN A 546 -12.48 12.35 18.00
C ASN A 546 -11.68 11.05 18.13
N LEU A 547 -12.35 9.94 17.87
CA LEU A 547 -11.83 8.58 18.06
C LEU A 547 -10.34 8.36 17.77
N VAL A 548 -9.91 8.64 16.54
CA VAL A 548 -8.54 8.38 16.11
C VAL A 548 -7.55 9.11 17.02
N TYR A 549 -7.82 10.38 17.29
CA TYR A 549 -6.90 11.24 18.03
C TYR A 549 -7.03 11.11 19.54
N ASP A 550 -8.21 10.75 20.02
CA ASP A 550 -8.42 10.49 21.44
C ASP A 550 -7.51 9.34 21.88
N ILE A 551 -7.51 8.26 21.07
CA ILE A 551 -6.78 7.05 21.34
C ILE A 551 -5.27 7.28 21.23
N LYS A 552 -4.89 8.04 20.20
CA LYS A 552 -3.52 8.34 19.95
C LYS A 552 -2.96 9.19 21.09
N ASN A 553 -3.66 10.27 21.44
CA ASN A 553 -3.22 11.14 22.53
C ASN A 553 -3.20 10.39 23.86
N TYR A 554 -4.19 9.52 24.09
CA TYR A 554 -4.17 8.68 25.28
C TYR A 554 -2.88 7.86 25.37
N LEU A 555 -2.52 7.18 24.27
CA LEU A 555 -1.35 6.33 24.27
C LEU A 555 -0.07 7.14 24.42
N GLU A 556 -0.06 8.33 23.82
CA GLU A 556 1.06 9.31 23.95
C GLU A 556 1.22 9.79 25.39
N GLN A 557 0.10 10.05 26.06
CA GLN A 557 0.15 10.43 27.46
C GLN A 557 0.65 9.27 28.30
N ARG A 558 0.19 8.04 28.01
CA ARG A 558 0.69 6.86 28.71
C ARG A 558 2.19 6.68 28.52
N LEU A 559 2.66 6.86 27.30
CA LEU A 559 4.10 6.81 27.05
C LEU A 559 4.88 7.87 27.83
N ASN A 560 4.39 9.12 27.86
CA ASN A 560 5.04 10.21 28.63
C ASN A 560 5.23 9.85 30.10
N PHE A 561 4.20 9.20 30.68
CA PHE A 561 4.26 8.73 32.04
C PHE A 561 5.35 7.66 32.25
N LEU A 562 5.43 6.65 31.38
CA LEU A 562 6.51 5.65 31.59
C LEU A 562 7.89 6.28 31.38
N VAL A 563 7.98 7.19 30.41
CA VAL A 563 9.24 7.81 30.03
C VAL A 563 9.68 8.77 31.12
N LEU A 564 8.74 9.57 31.64
CA LEU A 564 8.94 10.35 32.87
C LEU A 564 9.48 9.46 34.01
N ASN A 565 9.11 8.19 34.00
CA ASN A 565 9.51 7.27 35.07
C ASN A 565 10.68 6.34 34.75
N GLY A 566 11.38 6.65 33.66
CA GLY A 566 12.68 6.04 33.40
C GLY A 566 12.69 4.87 32.47
N ILE A 567 11.56 4.61 31.82
CA ILE A 567 11.44 3.59 30.81
C ILE A 567 11.90 4.15 29.46
N PRO A 568 12.88 3.46 28.82
CA PRO A 568 13.37 3.90 27.53
C PRO A 568 12.22 4.04 26.52
N ARG A 569 12.10 5.22 25.90
CA ARG A 569 11.10 5.46 24.86
C ARG A 569 11.05 4.34 23.76
N TYR A 570 12.21 3.81 23.40
CA TYR A 570 12.33 2.86 22.27
C TYR A 570 11.91 1.42 22.67
N ARG A 571 11.47 1.26 23.92
CA ARG A 571 10.98 -0.04 24.38
C ARG A 571 9.47 -0.07 24.58
N ILE A 572 8.77 0.97 24.09
CA ILE A 572 7.34 1.11 24.31
C ILE A 572 6.56 0.90 23.02
N LEU A 573 5.57 0.01 23.05
CA LEU A 573 4.74 -0.25 21.84
C LEU A 573 3.31 0.26 22.01
N PHE A 574 2.77 0.85 20.93
CA PHE A 574 1.41 1.43 20.93
C PHE A 574 0.47 0.37 20.38
N ASP A 575 -0.67 0.23 21.03
CA ASP A 575 -1.72 -0.66 20.56
C ASP A 575 -3.06 0.04 20.73
N ILE A 576 -3.76 0.20 19.62
CA ILE A 576 -5.07 0.85 19.59
C ILE A 576 -6.17 0.07 20.33
N GLY A 577 -5.92 -1.20 20.62
CA GLY A 577 -6.90 -2.08 21.25
C GLY A 577 -8.18 -2.29 20.48
N LEU A 578 -8.11 -2.96 19.33
CA LEU A 578 -9.29 -3.22 18.52
C LEU A 578 -10.32 -4.09 19.26
N GLY A 579 -11.59 -3.72 19.15
CA GLY A 579 -12.66 -4.42 19.88
C GLY A 579 -12.83 -4.13 21.37
N PHE A 580 -11.96 -3.30 21.97
CA PHE A 580 -12.05 -2.91 23.39
C PHE A 580 -12.68 -1.53 23.52
N ALA A 581 -13.96 -1.49 23.88
CA ALA A 581 -14.75 -0.25 23.91
C ALA A 581 -14.73 0.47 22.56
N LYS A 582 -14.86 -0.32 21.51
CA LYS A 582 -14.98 0.16 20.15
C LYS A 582 -16.16 -0.59 19.51
N LYS A 583 -17.04 0.16 18.85
CA LYS A 583 -18.03 -0.45 17.94
C LYS A 583 -17.24 -1.02 16.75
N HIS A 584 -17.86 -1.91 16.00
CA HIS A 584 -17.22 -2.50 14.83
C HIS A 584 -16.77 -1.46 13.78
N ASP A 585 -17.62 -0.47 13.49
CA ASP A 585 -17.25 0.65 12.63
C ASP A 585 -16.06 1.45 13.17
N GLN A 586 -15.93 1.50 14.50
CA GLN A 586 -14.86 2.26 15.14
C GLN A 586 -13.55 1.50 15.06
N SER A 587 -13.63 0.18 15.22
CA SER A 587 -12.51 -0.70 15.00
C SER A 587 -11.98 -0.57 13.57
N ILE A 588 -12.89 -0.59 12.58
CA ILE A 588 -12.54 -0.39 11.17
C ILE A 588 -11.86 0.95 10.96
N LYS A 589 -12.43 1.99 11.57
CA LYS A 589 -11.99 3.37 11.35
C LYS A 589 -10.59 3.57 11.91
N LEU A 590 -10.30 2.89 13.01
CA LEU A 590 -8.95 2.92 13.59
C LEU A 590 -7.94 2.25 12.65
N LEU A 591 -8.35 1.17 12.00
CA LEU A 591 -7.49 0.58 10.95
C LEU A 591 -7.33 1.48 9.72
N GLN A 592 -8.42 2.09 9.20
CA GLN A 592 -8.32 3.02 8.05
C GLN A 592 -7.32 4.12 8.32
N ASN A 593 -7.24 4.52 9.57
CA ASN A 593 -6.45 5.65 10.00
C ASN A 593 -5.19 5.23 10.75
N ILE A 594 -4.71 4.02 10.45
CA ILE A 594 -3.51 3.49 11.11
C ILE A 594 -2.22 4.29 10.85
N HIS A 595 -2.14 5.01 9.71
CA HIS A 595 -1.00 5.91 9.32
C HIS A 595 -0.61 6.88 10.43
N VAL A 596 -1.60 7.27 11.21
CA VAL A 596 -1.40 8.06 12.42
C VAL A 596 -0.26 7.56 13.35
N TYR A 597 0.09 6.27 13.26
CA TYR A 597 1.20 5.68 14.02
C TYR A 597 2.52 5.51 13.24
N ASP A 598 2.69 6.29 12.17
CA ASP A 598 3.86 6.14 11.27
C ASP A 598 5.20 6.38 11.96
N GLU A 599 5.18 7.16 13.03
CA GLU A 599 6.40 7.49 13.75
C GLU A 599 6.70 6.54 14.91
N TYR A 600 5.78 5.61 15.20
CA TYR A 600 5.82 4.82 16.46
C TYR A 600 5.86 3.33 16.27
N PRO A 601 6.41 2.59 17.27
CA PRO A 601 6.31 1.13 17.24
C PRO A 601 4.85 0.73 17.50
N LEU A 602 4.27 -0.01 16.55
CA LEU A 602 2.85 -0.30 16.56
C LEU A 602 2.56 -1.79 16.62
N PHE A 603 1.64 -2.13 17.51
CA PHE A 603 1.27 -3.51 17.81
C PHE A 603 -0.26 -3.55 17.68
N ILE A 604 -0.79 -4.46 16.86
CA ILE A 604 -2.27 -4.61 16.78
C ILE A 604 -2.73 -6.05 16.96
N GLY A 605 -3.92 -6.20 17.52
CA GLY A 605 -4.51 -7.52 17.67
C GLY A 605 -5.89 -7.50 17.07
N TYR A 606 -6.00 -8.02 15.86
CA TYR A 606 -7.30 -8.07 15.20
C TYR A 606 -7.87 -9.48 15.19
N SER A 607 -7.05 -10.46 15.56
CA SER A 607 -7.30 -11.85 15.27
C SER A 607 -8.57 -12.41 15.91
N ARG A 608 -9.47 -12.88 15.05
CA ARG A 608 -10.72 -13.55 15.43
C ARG A 608 -11.70 -12.65 16.16
N LYS A 609 -11.47 -11.34 16.13
CA LYS A 609 -12.37 -10.39 16.79
C LYS A 609 -13.63 -10.22 15.94
N ARG A 610 -14.73 -9.87 16.61
CA ARG A 610 -16.06 -9.87 16.01
C ARG A 610 -16.26 -8.88 14.88
N PHE A 611 -15.49 -7.79 14.86
CA PHE A 611 -15.66 -6.76 13.84
C PHE A 611 -15.33 -7.26 12.42
N ILE A 612 -14.41 -8.22 12.31
CA ILE A 612 -14.04 -8.80 11.02
C ILE A 612 -15.28 -9.38 10.34
N ALA A 613 -16.03 -10.16 11.11
CA ALA A 613 -17.26 -10.83 10.66
C ALA A 613 -18.29 -9.83 10.14
N HIS A 614 -18.37 -8.68 10.80
CA HIS A 614 -19.27 -7.57 10.45
C HIS A 614 -18.93 -6.90 9.11
N CYS A 615 -17.77 -7.22 8.54
CA CYS A 615 -17.34 -6.69 7.24
C CYS A 615 -17.71 -7.60 6.06
N MET A 616 -17.88 -8.89 6.35
CA MET A 616 -18.19 -9.88 5.31
C MET A 616 -19.66 -9.83 4.89
N ASN A 617 -19.88 -9.92 3.58
CA ASN A 617 -21.22 -9.94 2.98
C ASN A 617 -21.85 -11.32 3.19
N ASP A 659 -21.86 -22.93 11.22
CA ASP A 659 -21.21 -21.95 12.09
C ASP A 659 -19.69 -21.94 11.98
N GLN A 660 -19.10 -23.10 11.67
CA GLN A 660 -17.65 -23.21 11.41
C GLN A 660 -17.24 -22.58 10.08
N LEU A 661 -18.22 -22.36 9.19
CA LEU A 661 -18.03 -21.54 8.00
C LEU A 661 -17.82 -20.07 8.38
N LEU A 662 -18.54 -19.59 9.40
CA LEU A 662 -18.38 -18.22 9.92
C LEU A 662 -17.05 -18.03 10.67
N TYR A 663 -16.59 -19.09 11.33
CA TYR A 663 -15.27 -19.15 11.95
C TYR A 663 -14.14 -19.19 10.89
N GLN A 664 -14.40 -19.85 9.75
CA GLN A 664 -13.45 -19.92 8.63
C GLN A 664 -13.31 -18.55 7.94
N LYS A 665 -14.42 -17.91 7.58
CA LYS A 665 -14.41 -16.57 6.94
C LYS A 665 -13.69 -15.52 7.81
N ASN A 666 -13.78 -15.71 9.12
CA ASN A 666 -13.19 -14.80 10.09
C ASN A 666 -11.68 -14.91 10.06
N ILE A 667 -11.16 -16.13 10.01
CA ILE A 667 -9.72 -16.37 9.89
C ILE A 667 -9.22 -15.83 8.56
N CYS A 668 -10.01 -16.03 7.50
CA CYS A 668 -9.66 -15.57 6.19
C CYS A 668 -9.65 -14.05 6.12
N GLY A 669 -10.66 -13.44 6.76
CA GLY A 669 -10.77 -11.98 6.86
C GLY A 669 -9.61 -11.32 7.61
N GLY A 670 -9.10 -12.01 8.63
CA GLY A 670 -7.88 -11.60 9.32
C GLY A 670 -6.67 -11.49 8.40
N LEU A 671 -6.53 -12.44 7.46
CA LEU A 671 -5.38 -12.45 6.56
C LEU A 671 -5.40 -11.25 5.63
N ALA A 672 -6.60 -10.78 5.28
CA ALA A 672 -6.74 -9.49 4.64
C ALA A 672 -6.17 -8.38 5.53
N ILE A 673 -6.42 -8.45 6.84
CA ILE A 673 -5.90 -7.42 7.74
C ILE A 673 -4.39 -7.57 7.90
N ALA A 674 -3.90 -8.82 7.86
CA ALA A 674 -2.45 -9.10 7.78
C ALA A 674 -1.80 -8.44 6.55
N SER A 675 -2.49 -8.45 5.42
CA SER A 675 -1.95 -7.85 4.19
C SER A 675 -1.87 -6.35 4.30
N TYR A 676 -3.00 -5.76 4.73
CA TYR A 676 -3.10 -4.34 5.01
C TYR A 676 -2.00 -3.89 5.97
N SER A 677 -1.82 -4.65 7.06
CA SER A 677 -0.80 -4.38 8.08
C SER A 677 0.58 -4.36 7.47
N TYR A 678 0.84 -5.34 6.59
CA TYR A 678 2.10 -5.44 5.83
C TYR A 678 2.36 -4.18 5.01
N TYR A 679 1.35 -3.73 4.27
CA TYR A 679 1.50 -2.54 3.44
C TYR A 679 1.58 -1.27 4.24
N LYS A 680 0.98 -1.27 5.43
CA LYS A 680 1.06 -0.15 6.36
C LYS A 680 2.30 -0.22 7.24
N LYS A 681 3.05 -1.33 7.17
CA LYS A 681 4.29 -1.52 7.92
C LYS A 681 4.05 -1.57 9.44
N VAL A 682 2.90 -2.12 9.83
CA VAL A 682 2.62 -2.42 11.22
C VAL A 682 3.76 -3.28 11.79
N ASP A 683 4.33 -2.89 12.91
CA ASP A 683 5.47 -3.60 13.46
C ASP A 683 5.20 -5.02 14.01
N LEU A 684 4.07 -5.18 14.67
CA LEU A 684 3.70 -6.47 15.27
C LEU A 684 2.21 -6.68 15.13
N ILE A 685 1.84 -7.91 14.76
CA ILE A 685 0.45 -8.34 14.70
C ILE A 685 0.24 -9.58 15.56
N ARG A 686 -0.76 -9.50 16.42
CA ARG A 686 -1.02 -10.53 17.40
C ARG A 686 -2.07 -11.47 16.82
N VAL A 687 -1.67 -12.70 16.52
CA VAL A 687 -2.54 -13.61 15.77
C VAL A 687 -2.68 -15.01 16.38
N HIS A 688 -3.85 -15.60 16.15
CA HIS A 688 -4.10 -17.01 16.47
C HIS A 688 -3.52 -17.92 15.40
N ASP A 689 -3.68 -17.53 14.14
CA ASP A 689 -3.36 -18.40 13.00
C ASP A 689 -1.99 -18.11 12.37
N VAL A 690 -0.93 -18.72 12.93
CA VAL A 690 0.46 -18.34 12.62
C VAL A 690 0.89 -18.76 11.23
N LEU A 691 0.74 -20.05 10.94
CA LEU A 691 1.09 -20.60 9.63
C LEU A 691 0.44 -19.82 8.49
N GLU A 692 -0.88 -19.58 8.61
CA GLU A 692 -1.63 -18.87 7.58
C GLU A 692 -1.04 -17.48 7.39
N THR A 693 -0.81 -16.76 8.49
CA THR A 693 -0.30 -15.38 8.48
C THR A 693 1.12 -15.31 7.91
N LYS A 694 1.99 -16.20 8.38
CA LYS A 694 3.35 -16.32 7.86
C LYS A 694 3.37 -16.53 6.34
N SER A 695 2.46 -17.35 5.84
CA SER A 695 2.40 -17.66 4.40
C SER A 695 2.06 -16.42 3.60
N VAL A 696 1.08 -15.66 4.09
CA VAL A 696 0.69 -14.39 3.47
C VAL A 696 1.88 -13.41 3.45
N LEU A 697 2.50 -13.18 4.60
CA LEU A 697 3.59 -12.19 4.71
C LEU A 697 4.78 -12.54 3.84
N ASP A 698 5.10 -13.83 3.79
CA ASP A 698 6.16 -14.37 2.94
C ASP A 698 5.96 -14.05 1.47
N VAL A 699 4.73 -14.18 0.99
CA VAL A 699 4.45 -13.94 -0.41
C VAL A 699 4.55 -12.44 -0.69
N LEU A 700 3.92 -11.64 0.17
CA LEU A 700 3.99 -10.17 0.05
C LEU A 700 5.43 -9.65 0.09
N THR A 701 6.22 -10.23 1.00
CA THR A 701 7.65 -9.93 1.09
C THR A 701 8.38 -10.23 -0.23
N LYS A 702 8.10 -11.39 -0.82
CA LYS A 702 8.72 -11.83 -2.09
C LYS A 702 8.33 -10.97 -3.27
N ILE A 703 7.05 -10.60 -3.34
CA ILE A 703 6.61 -9.65 -4.36
C ILE A 703 7.36 -8.31 -4.22
N ASP A 704 7.66 -7.87 -2.99
CA ASP A 704 8.45 -6.64 -2.79
C ASP A 704 9.95 -6.74 -3.11
N GLN A 705 10.51 -7.95 -3.08
CA GLN A 705 11.95 -8.17 -3.31
C GLN A 705 12.30 -8.08 -4.79
N VAL A 706 12.88 -6.95 -5.18
CA VAL A 706 13.30 -6.73 -6.57
C VAL A 706 14.70 -7.32 -6.84
N LYS A 707 14.74 -8.36 -7.67
CA LYS A 707 15.95 -9.11 -7.99
C LYS A 707 16.60 -8.62 -9.29
N THR B 15 -13.81 2.04 -52.26
CA THR B 15 -13.24 1.62 -50.94
C THR B 15 -12.58 2.81 -50.19
N ASN B 16 -13.32 3.35 -49.20
CA ASN B 16 -12.89 4.52 -48.40
C ASN B 16 -12.76 4.19 -46.91
N ILE B 17 -12.04 5.06 -46.18
CA ILE B 17 -11.83 4.91 -44.75
C ILE B 17 -12.65 5.96 -43.97
N ALA B 18 -13.59 5.47 -43.16
CA ALA B 18 -14.50 6.31 -42.39
C ALA B 18 -14.32 6.12 -40.89
N VAL B 19 -14.12 7.23 -40.18
CA VAL B 19 -14.01 7.23 -38.73
C VAL B 19 -15.31 7.82 -38.17
N LEU B 20 -15.99 7.03 -37.34
CA LEU B 20 -17.26 7.43 -36.77
C LEU B 20 -17.21 7.58 -35.26
N ASN B 21 -18.04 8.46 -34.71
CA ASN B 21 -18.31 8.50 -33.28
C ASN B 21 -19.73 8.00 -33.05
N LEU B 22 -19.91 7.17 -32.03
CA LEU B 22 -21.22 6.63 -31.69
C LEU B 22 -21.50 6.98 -30.23
N GLY B 23 -22.67 7.59 -29.99
CA GLY B 23 -23.07 8.06 -28.65
C GLY B 23 -24.44 7.57 -28.21
N THR B 24 -24.58 7.35 -26.91
CA THR B 24 -25.86 7.04 -26.26
C THR B 24 -25.86 7.66 -24.84
N ASN B 25 -27.04 7.79 -24.22
CA ASN B 25 -27.13 8.26 -22.83
C ASN B 25 -27.94 7.37 -21.89
N ASP B 26 -28.54 6.31 -22.44
CA ASP B 26 -29.11 5.24 -21.64
C ASP B 26 -27.95 4.48 -21.00
N ARG B 27 -27.89 4.51 -19.66
CA ARG B 27 -26.85 3.81 -18.87
C ARG B 27 -27.04 2.29 -18.87
N ARG B 28 -28.26 1.84 -18.59
CA ARG B 28 -28.58 0.42 -18.46
C ARG B 28 -28.30 -0.35 -19.76
N ASN B 29 -28.76 0.20 -20.88
CA ASN B 29 -28.71 -0.50 -22.16
C ASN B 29 -27.63 0.01 -23.14
N ALA B 30 -26.66 0.77 -22.64
CA ALA B 30 -25.57 1.36 -23.46
C ALA B 30 -24.88 0.35 -24.38
N VAL B 31 -24.63 -0.84 -23.83
CA VAL B 31 -24.01 -1.95 -24.55
C VAL B 31 -24.95 -2.37 -25.68
N LEU B 32 -26.16 -2.79 -25.33
CA LEU B 32 -27.17 -3.19 -26.33
C LEU B 32 -27.46 -2.10 -27.39
N ILE B 33 -27.47 -0.83 -26.98
CA ILE B 33 -27.67 0.27 -27.92
C ILE B 33 -26.47 0.36 -28.87
N LEU B 34 -25.26 0.53 -28.31
CA LEU B 34 -24.07 0.78 -29.13
C LEU B 34 -23.59 -0.43 -29.95
N GLU B 35 -23.84 -1.64 -29.45
CA GLU B 35 -23.45 -2.88 -30.17
C GLU B 35 -24.38 -3.17 -31.35
N THR B 36 -25.64 -2.78 -31.20
CA THR B 36 -26.62 -2.88 -32.28
C THR B 36 -26.25 -1.92 -33.41
N ALA B 37 -25.90 -0.68 -33.04
CA ALA B 37 -25.38 0.32 -33.98
C ALA B 37 -24.14 -0.20 -34.71
N LEU B 38 -23.25 -0.87 -33.96
CA LEU B 38 -22.06 -1.52 -34.52
C LEU B 38 -22.42 -2.55 -35.61
N HIS B 39 -23.41 -3.40 -35.33
CA HIS B 39 -23.87 -4.37 -36.33
C HIS B 39 -24.42 -3.70 -37.59
N LEU B 40 -25.25 -2.68 -37.41
CA LEU B 40 -25.85 -1.95 -38.52
C LEU B 40 -24.80 -1.22 -39.38
N VAL B 41 -23.75 -0.70 -38.74
CA VAL B 41 -22.56 -0.17 -39.43
C VAL B 41 -21.89 -1.29 -40.26
N GLU B 42 -21.66 -2.46 -39.65
CA GLU B 42 -21.10 -3.64 -40.35
C GLU B 42 -21.95 -4.04 -41.55
N LYS B 43 -23.27 -4.09 -41.34
CA LYS B 43 -24.25 -4.52 -42.34
C LYS B 43 -24.39 -3.55 -43.51
N TYR B 44 -24.45 -2.25 -43.22
CA TYR B 44 -24.83 -1.28 -44.26
C TYR B 44 -23.72 -0.40 -44.83
N LEU B 45 -22.54 -0.39 -44.21
CA LEU B 45 -21.47 0.56 -44.59
C LEU B 45 -20.12 -0.04 -45.01
N GLY B 46 -19.84 -1.28 -44.60
CA GLY B 46 -18.55 -1.93 -44.88
C GLY B 46 -18.02 -2.83 -43.77
N LYS B 47 -16.78 -2.57 -43.34
CA LYS B 47 -16.13 -3.42 -42.34
C LYS B 47 -15.56 -2.61 -41.19
N ILE B 48 -15.89 -3.00 -39.96
CA ILE B 48 -15.24 -2.42 -38.77
C ILE B 48 -13.84 -3.02 -38.61
N ILE B 49 -12.84 -2.17 -38.78
CA ILE B 49 -11.44 -2.57 -38.74
C ILE B 49 -10.68 -1.97 -37.55
N ASN B 50 -11.39 -1.14 -36.77
CA ASN B 50 -10.88 -0.59 -35.50
C ASN B 50 -12.02 -0.09 -34.63
N THR B 51 -11.87 -0.28 -33.31
CA THR B 51 -12.74 0.36 -32.32
C THR B 51 -11.92 0.92 -31.17
N SER B 52 -12.54 1.82 -30.40
CA SER B 52 -11.97 2.35 -29.18
C SER B 52 -12.59 1.58 -28.00
N TYR B 53 -12.14 1.90 -26.79
CA TYR B 53 -12.81 1.45 -25.60
C TYR B 53 -14.12 2.21 -25.47
N LEU B 54 -15.03 1.66 -24.67
CA LEU B 54 -16.24 2.38 -24.28
C LEU B 54 -15.86 3.40 -23.19
N TYR B 55 -16.46 4.58 -23.25
CA TYR B 55 -16.24 5.58 -22.21
C TYR B 55 -17.54 6.20 -21.69
N GLU B 56 -17.61 6.31 -20.36
CA GLU B 56 -18.61 7.14 -19.70
C GLU B 56 -17.97 8.50 -19.53
N THR B 57 -18.60 9.50 -20.14
CA THR B 57 -18.06 10.86 -20.15
C THR B 57 -19.07 11.89 -19.63
N VAL B 58 -18.54 12.95 -19.02
CA VAL B 58 -19.33 14.07 -18.48
C VAL B 58 -18.89 15.36 -19.21
N PRO B 59 -19.83 16.06 -19.90
CA PRO B 59 -19.63 17.24 -20.75
C PRO B 59 -18.48 18.21 -20.38
N ASN B 83 -37.43 -3.11 -24.36
CA ASN B 83 -36.82 -2.65 -25.62
C ASN B 83 -36.82 -3.74 -26.70
N TYR B 84 -37.85 -3.71 -27.55
CA TYR B 84 -37.93 -4.64 -28.69
C TYR B 84 -36.97 -4.27 -29.82
N ILE B 85 -35.67 -4.35 -29.53
CA ILE B 85 -34.64 -4.36 -30.57
C ILE B 85 -34.61 -5.76 -31.22
N ASN B 86 -35.08 -6.76 -30.47
CA ASN B 86 -35.27 -8.15 -30.96
C ASN B 86 -36.22 -8.22 -32.15
N GLU B 87 -37.34 -7.50 -32.06
CA GLU B 87 -38.33 -7.38 -33.15
C GLU B 87 -37.72 -6.69 -34.37
N LEU B 88 -36.87 -5.69 -34.11
CA LEU B 88 -36.15 -4.95 -35.14
C LEU B 88 -35.09 -5.81 -35.85
N MET B 89 -34.43 -6.70 -35.09
CA MET B 89 -33.33 -7.53 -35.61
C MET B 89 -33.79 -8.65 -36.56
N GLN B 90 -35.03 -9.11 -36.37
CA GLN B 90 -35.62 -10.18 -37.20
C GLN B 90 -36.14 -9.66 -38.54
N ASN B 91 -36.75 -8.48 -38.53
CA ASN B 91 -37.28 -7.82 -39.73
C ASN B 91 -36.33 -6.76 -40.29
N LEU B 92 -35.07 -7.16 -40.48
CA LEU B 92 -34.07 -6.26 -41.05
C LEU B 92 -33.89 -6.44 -42.54
N GLU B 93 -33.81 -5.31 -43.23
CA GLU B 93 -33.60 -5.27 -44.68
C GLU B 93 -32.16 -5.62 -45.02
N GLU B 94 -31.98 -6.32 -46.15
CA GLU B 94 -30.67 -6.82 -46.55
C GLU B 94 -29.90 -5.82 -47.42
N SER B 95 -28.58 -5.87 -47.29
CA SER B 95 -27.67 -4.95 -47.97
C SER B 95 -27.49 -5.34 -49.43
N LYS B 96 -27.08 -4.37 -50.25
CA LYS B 96 -26.71 -4.61 -51.65
C LYS B 96 -25.27 -5.13 -51.77
N TYR B 97 -24.57 -5.19 -50.65
CA TYR B 97 -23.21 -5.73 -50.58
C TYR B 97 -23.18 -6.99 -49.72
N GLU B 98 -22.26 -7.90 -50.05
CA GLU B 98 -22.15 -9.18 -49.33
C GLU B 98 -21.26 -9.07 -48.10
N GLU B 99 -21.68 -9.79 -47.06
CA GLU B 99 -21.00 -9.85 -45.78
C GLU B 99 -20.08 -11.07 -45.75
N ASN B 100 -18.78 -10.84 -45.74
CA ASN B 100 -17.81 -11.94 -45.52
C ASN B 100 -17.01 -11.81 -44.22
N LYS B 101 -17.08 -12.86 -43.42
CA LYS B 101 -16.45 -12.93 -42.11
C LYS B 101 -14.97 -13.35 -42.17
N GLU B 102 -14.41 -13.38 -43.38
CA GLU B 102 -13.02 -13.78 -43.63
C GLU B 102 -12.03 -12.95 -42.82
N LEU B 103 -11.11 -13.64 -42.15
CA LEU B 103 -10.07 -12.96 -41.39
C LEU B 103 -9.07 -12.22 -42.27
N ILE B 104 -8.48 -11.17 -41.72
CA ILE B 104 -7.49 -10.36 -42.43
C ILE B 104 -6.37 -10.05 -41.45
N ASP B 105 -5.18 -9.81 -41.97
CA ASP B 105 -4.01 -9.50 -41.14
C ASP B 105 -3.40 -8.14 -41.50
N LYS B 106 -3.91 -7.56 -42.59
CA LYS B 106 -3.53 -6.23 -43.05
C LYS B 106 -4.71 -5.57 -43.77
N CYS B 107 -4.69 -4.25 -43.84
CA CYS B 107 -5.65 -3.48 -44.63
C CYS B 107 -4.97 -2.26 -45.23
N GLU B 108 -4.66 -2.34 -46.52
CA GLU B 108 -3.80 -1.35 -47.18
C GLU B 108 -4.40 0.05 -47.27
N GLU B 109 -5.71 0.11 -47.51
CA GLU B 109 -6.43 1.39 -47.58
C GLU B 109 -6.33 2.15 -46.27
N TYR B 110 -6.55 1.42 -45.18
CA TYR B 110 -6.43 1.91 -43.80
C TYR B 110 -5.02 2.41 -43.51
N GLU B 111 -4.01 1.66 -43.98
CA GLU B 111 -2.60 2.05 -43.83
C GLU B 111 -2.25 3.34 -44.60
N THR B 112 -2.85 3.50 -45.79
CA THR B 112 -2.77 4.72 -46.59
C THR B 112 -3.55 5.87 -45.93
N PHE B 113 -4.68 5.56 -45.29
CA PHE B 113 -5.43 6.56 -44.51
C PHE B 113 -4.57 7.20 -43.43
N LEU B 114 -3.81 6.37 -42.71
CA LEU B 114 -3.00 6.83 -41.59
C LEU B 114 -1.79 7.66 -42.00
N LYS B 115 -1.32 7.48 -43.24
CA LYS B 115 -0.04 8.06 -43.70
C LYS B 115 0.13 9.61 -43.79
N ASN B 116 -0.83 10.39 -44.33
CA ASN B 116 -1.96 9.99 -45.17
C ASN B 116 -1.61 10.24 -46.63
N GLY B 117 -1.36 9.15 -47.35
CA GLY B 117 -0.92 9.21 -48.74
C GLY B 117 -2.04 9.35 -49.74
N LYS B 118 -1.72 9.03 -51.01
CA LYS B 118 -2.62 9.12 -52.15
C LYS B 118 -3.84 8.19 -52.01
N VAL B 119 -5.03 8.80 -51.91
CA VAL B 119 -6.31 8.10 -51.93
C VAL B 119 -7.15 8.64 -53.10
N ASP B 120 -8.33 8.04 -53.33
CA ASP B 120 -9.28 8.50 -54.35
C ASP B 120 -9.69 9.96 -54.11
N ASN B 121 -9.80 10.71 -55.20
CA ASN B 121 -10.19 12.13 -55.16
C ASN B 121 -11.62 12.31 -54.67
N SER B 122 -11.83 13.36 -53.86
CA SER B 122 -13.13 13.68 -53.28
C SER B 122 -14.18 14.02 -54.33
N ILE B 123 -15.29 13.30 -54.29
CA ILE B 123 -16.40 13.51 -55.24
C ILE B 123 -17.31 14.69 -54.82
N LEU B 124 -16.93 15.40 -53.75
CA LEU B 124 -17.68 16.55 -53.26
C LEU B 124 -16.85 17.84 -53.16
N LYS B 125 -17.58 18.96 -53.04
CA LYS B 125 -17.04 20.30 -52.87
C LYS B 125 -16.14 20.41 -51.62
N GLU B 126 -14.83 20.52 -51.88
CA GLU B 126 -13.81 20.57 -50.84
C GLU B 126 -13.30 21.99 -50.56
N VAL B 127 -13.54 22.47 -49.34
CA VAL B 127 -12.99 23.75 -48.87
C VAL B 127 -11.50 23.61 -48.48
N ASN B 128 -10.82 24.75 -48.30
CA ASN B 128 -9.42 24.75 -47.82
C ASN B 128 -9.32 25.01 -46.31
N VAL B 129 -8.08 25.01 -45.79
CA VAL B 129 -7.77 25.09 -44.35
C VAL B 129 -8.48 26.24 -43.62
N GLU B 130 -8.25 27.46 -44.09
CA GLU B 130 -8.74 28.69 -43.44
C GLU B 130 -10.25 28.87 -43.58
N ASN B 131 -10.79 28.42 -44.72
CA ASN B 131 -12.23 28.47 -45.01
C ASN B 131 -13.03 27.53 -44.10
N TYR B 132 -12.50 26.31 -43.92
CA TYR B 132 -13.07 25.33 -42.97
C TYR B 132 -13.04 25.87 -41.54
N LEU B 133 -11.89 26.42 -41.14
CA LEU B 133 -11.68 26.95 -39.79
C LEU B 133 -12.65 28.06 -39.40
N LEU B 134 -12.89 29.00 -40.33
CA LEU B 134 -13.87 30.09 -40.15
C LEU B 134 -15.30 29.57 -40.05
N GLU B 135 -15.65 28.64 -40.95
CA GLU B 135 -16.96 28.01 -40.95
C GLU B 135 -17.18 27.14 -39.69
N CYS B 136 -16.12 26.45 -39.27
CA CYS B 136 -16.09 25.64 -38.04
C CYS B 136 -16.38 26.51 -36.82
N ASN B 137 -15.60 27.59 -36.67
CA ASN B 137 -15.79 28.57 -35.58
C ASN B 137 -17.20 29.16 -35.58
N ASN B 138 -17.78 29.32 -36.78
CA ASN B 138 -19.13 29.86 -36.95
C ASN B 138 -20.23 28.94 -36.42
N ILE B 139 -20.04 27.62 -36.50
CA ILE B 139 -21.01 26.68 -35.89
C ILE B 139 -20.80 26.61 -34.36
N ILE B 140 -19.55 26.72 -33.91
CA ILE B 140 -19.22 26.66 -32.47
C ILE B 140 -19.84 27.83 -31.69
N VAL B 141 -19.62 29.05 -32.16
CA VAL B 141 -20.11 30.27 -31.48
C VAL B 141 -21.65 30.39 -31.48
N LYS B 142 -22.28 29.92 -32.57
CA LYS B 142 -23.75 29.85 -32.71
C LYS B 142 -24.37 28.79 -31.79
N ASN B 143 -23.61 27.74 -31.48
CA ASN B 143 -24.06 26.67 -30.58
C ASN B 143 -23.78 26.94 -29.11
N ASP B 144 -22.83 27.87 -28.84
CA ASP B 144 -22.53 28.34 -27.50
C ASP B 144 -23.64 29.24 -26.94
N GLU B 145 -24.89 28.79 -27.04
CA GLU B 145 -26.06 29.55 -26.58
C GLU B 145 -27.13 28.62 -25.97
N ILE B 146 -27.35 28.76 -24.66
CA ILE B 146 -28.27 27.90 -23.89
C ILE B 146 -29.50 28.65 -23.35
N TYR B 162 -24.64 11.81 -17.96
CA TYR B 162 -23.73 10.76 -18.42
C TYR B 162 -23.85 10.54 -19.93
N PHE B 163 -22.71 10.53 -20.61
CA PHE B 163 -22.63 10.28 -22.05
C PHE B 163 -21.70 9.09 -22.35
N TYR B 164 -22.18 8.16 -23.18
CA TYR B 164 -21.46 6.91 -23.51
C TYR B 164 -20.96 6.87 -24.96
N ASN B 165 -19.65 7.02 -25.11
CA ASN B 165 -18.99 7.19 -26.41
C ASN B 165 -18.16 5.98 -26.84
N LEU B 166 -18.07 5.81 -28.16
CA LEU B 166 -17.32 4.76 -28.83
C LEU B 166 -16.99 5.21 -30.25
N THR B 167 -15.70 5.28 -30.60
CA THR B 167 -15.31 5.49 -32.00
C THR B 167 -15.06 4.19 -32.75
N VAL B 168 -15.18 4.24 -34.08
CA VAL B 168 -14.95 3.10 -34.96
C VAL B 168 -14.28 3.53 -36.27
N VAL B 169 -13.53 2.61 -36.88
CA VAL B 169 -13.00 2.82 -38.24
C VAL B 169 -13.70 1.84 -39.14
N VAL B 170 -14.20 2.37 -40.26
CA VAL B 170 -14.91 1.56 -41.24
C VAL B 170 -14.22 1.65 -42.60
N LYS B 171 -13.89 0.48 -43.15
CA LYS B 171 -13.54 0.34 -44.56
C LYS B 171 -14.87 0.35 -45.28
N THR B 172 -15.15 1.43 -46.00
CA THR B 172 -16.48 1.65 -46.57
C THR B 172 -16.56 1.57 -48.09
N PHE B 173 -17.63 0.93 -48.56
CA PHE B 173 -17.94 0.88 -49.99
C PHE B 173 -18.70 2.13 -50.47
N VAL B 174 -19.32 2.83 -49.52
CA VAL B 174 -20.07 4.07 -49.76
C VAL B 174 -19.13 5.14 -50.32
N ASN B 175 -19.62 5.89 -51.31
CA ASN B 175 -18.77 6.72 -52.18
C ASN B 175 -18.33 8.06 -51.59
N ASP B 176 -19.14 8.61 -50.69
CA ASP B 176 -18.95 9.96 -50.15
C ASP B 176 -19.56 10.10 -48.74
N PRO B 177 -19.02 11.01 -47.90
CA PRO B 177 -19.53 11.21 -46.53
C PRO B 177 -21.00 11.63 -46.44
N LEU B 178 -21.47 12.41 -47.43
CA LEU B 178 -22.88 12.81 -47.53
C LEU B 178 -23.83 11.61 -47.73
N SER B 179 -23.45 10.69 -48.63
CA SER B 179 -24.19 9.44 -48.84
C SER B 179 -24.18 8.60 -47.56
N MET B 180 -23.03 8.59 -46.88
CA MET B 180 -22.85 7.87 -45.63
C MET B 180 -23.75 8.44 -44.54
N LEU B 181 -23.77 9.77 -44.43
CA LEU B 181 -24.64 10.48 -43.49
C LEU B 181 -26.11 10.18 -43.71
N VAL B 182 -26.50 9.94 -44.96
CA VAL B 182 -27.86 9.52 -45.32
C VAL B 182 -28.13 8.11 -44.74
N VAL B 183 -27.20 7.18 -44.97
CA VAL B 183 -27.32 5.82 -44.43
C VAL B 183 -27.22 5.83 -42.90
N ILE B 184 -26.30 6.65 -42.37
CA ILE B 184 -26.14 6.85 -40.92
C ILE B 184 -27.41 7.39 -40.25
N LYS B 185 -28.02 8.43 -40.85
CA LYS B 185 -29.26 9.01 -40.33
C LYS B 185 -30.42 8.03 -40.42
N TYR B 186 -30.47 7.26 -41.52
CA TYR B 186 -31.43 6.17 -41.68
C TYR B 186 -31.23 5.08 -40.61
N ILE B 187 -29.95 4.79 -40.30
CA ILE B 187 -29.59 3.84 -39.24
C ILE B 187 -30.12 4.36 -37.90
N GLU B 188 -29.84 5.64 -37.60
CA GLU B 188 -30.36 6.32 -36.41
C GLU B 188 -31.88 6.24 -36.32
N GLU B 189 -32.56 6.39 -37.45
CA GLU B 189 -34.02 6.36 -37.51
C GLU B 189 -34.62 4.98 -37.29
N LEU B 190 -33.96 3.95 -37.80
CA LEU B 190 -34.38 2.55 -37.60
C LEU B 190 -34.38 2.15 -36.12
N MET B 191 -33.42 2.71 -35.38
CA MET B 191 -33.22 2.41 -33.95
C MET B 191 -34.16 3.18 -33.01
N LYS B 192 -34.75 4.26 -33.53
CA LYS B 192 -35.75 5.08 -32.80
C LYS B 192 -37.15 4.48 -32.92
N ARG B 205 -31.59 11.45 -28.94
CA ARG B 205 -30.48 11.28 -28.00
C ARG B 205 -30.17 9.81 -27.67
N ILE B 206 -31.11 8.91 -28.02
CA ILE B 206 -31.00 7.46 -27.77
C ILE B 206 -29.77 6.82 -28.44
N ILE B 207 -29.45 7.30 -29.65
CA ILE B 207 -28.23 6.92 -30.38
C ILE B 207 -27.90 8.03 -31.36
N ASP B 208 -26.65 8.51 -31.30
CA ASP B 208 -26.16 9.54 -32.20
C ASP B 208 -24.82 9.13 -32.85
N ILE B 209 -24.82 9.05 -34.18
CA ILE B 209 -23.66 8.58 -34.95
C ILE B 209 -23.11 9.69 -35.86
N ASP B 210 -21.86 10.09 -35.61
CA ASP B 210 -21.22 11.19 -36.37
C ASP B 210 -20.07 10.72 -37.26
N ILE B 211 -19.75 11.50 -38.29
CA ILE B 211 -18.61 11.22 -39.15
C ILE B 211 -17.46 12.15 -38.75
N LEU B 212 -16.47 11.56 -38.11
CA LEU B 212 -15.32 12.31 -37.64
C LEU B 212 -14.33 12.56 -38.75
N PHE B 213 -14.11 11.55 -39.59
CA PHE B 213 -13.22 11.67 -40.73
C PHE B 213 -13.75 10.86 -41.91
N PHE B 214 -13.39 11.30 -43.11
CA PHE B 214 -13.60 10.55 -44.34
C PHE B 214 -12.36 10.77 -45.17
N ASN B 215 -11.64 9.68 -45.42
CA ASN B 215 -10.29 9.73 -46.01
C ASN B 215 -9.48 10.93 -45.48
N ASP B 216 -8.91 11.75 -46.35
CA ASP B 216 -8.20 12.94 -45.89
C ASP B 216 -8.95 14.25 -46.14
N PHE B 217 -10.22 14.12 -46.53
CA PHE B 217 -10.99 15.23 -47.08
C PHE B 217 -11.27 16.33 -46.06
N THR B 218 -11.02 17.57 -46.48
CA THR B 218 -11.45 18.76 -45.77
C THR B 218 -12.71 19.24 -46.48
N ILE B 219 -13.86 19.04 -45.83
CA ILE B 219 -15.15 19.35 -46.42
C ILE B 219 -15.95 20.32 -45.54
N PHE B 220 -16.61 21.26 -46.21
CA PHE B 220 -17.70 22.03 -45.64
C PHE B 220 -18.76 22.24 -46.71
N MET B 221 -19.99 21.86 -46.41
CA MET B 221 -21.15 22.13 -47.26
C MET B 221 -22.16 22.91 -46.42
N LYS B 222 -22.42 24.15 -46.86
CA LYS B 222 -23.01 25.19 -46.01
C LYS B 222 -24.52 25.06 -45.73
N ASN B 223 -25.28 24.66 -46.75
CA ASN B 223 -26.71 24.38 -46.57
C ASN B 223 -27.11 23.25 -47.51
N ILE B 224 -27.77 22.24 -46.96
CA ILE B 224 -28.19 21.06 -47.73
C ILE B 224 -29.70 20.86 -47.62
N LYS B 225 -30.34 20.70 -48.79
CA LYS B 225 -31.75 20.35 -48.90
C LYS B 225 -31.86 19.26 -49.96
N LEU B 226 -32.46 18.14 -49.58
CA LEU B 226 -32.64 16.99 -50.46
C LEU B 226 -34.04 16.43 -50.25
N GLU B 227 -34.61 15.88 -51.33
CA GLU B 227 -36.01 15.41 -51.33
C GLU B 227 -36.14 13.88 -51.17
N LYS B 228 -37.39 13.42 -50.99
CA LYS B 228 -37.73 11.99 -50.91
C LYS B 228 -37.26 11.16 -52.10
N ASN B 229 -37.19 11.78 -53.28
CA ASN B 229 -36.67 11.16 -54.49
C ASN B 229 -35.14 10.97 -54.46
N MET B 230 -34.42 11.99 -53.98
CA MET B 230 -32.95 11.97 -53.91
C MET B 230 -32.43 11.03 -52.82
N ILE B 231 -33.06 11.08 -51.65
CA ILE B 231 -32.71 10.24 -50.49
C ILE B 231 -32.98 8.74 -50.75
N TYR B 232 -34.15 8.43 -51.32
CA TYR B 232 -34.52 7.06 -51.68
C TYR B 232 -33.51 6.38 -52.60
N LYS B 233 -32.96 7.14 -53.55
CA LYS B 233 -32.00 6.63 -54.54
C LYS B 233 -30.55 6.49 -54.02
N ILE B 234 -30.21 7.20 -52.95
CA ILE B 234 -28.96 6.97 -52.21
C ILE B 234 -29.13 5.71 -51.36
N LEU B 235 -30.25 5.65 -50.64
CA LEU B 235 -30.58 4.52 -49.77
C LEU B 235 -30.89 3.22 -50.52
N SER B 236 -31.15 3.33 -51.82
CA SER B 236 -31.35 2.15 -52.68
C SER B 236 -30.05 1.56 -53.16
N LYS B 237 -29.06 2.43 -53.40
CA LYS B 237 -27.73 2.05 -53.90
C LYS B 237 -27.05 1.01 -53.00
N TYR B 238 -27.35 1.08 -51.70
CA TYR B 238 -26.73 0.24 -50.69
C TYR B 238 -27.69 -0.74 -49.98
N ILE B 239 -29.00 -0.52 -50.11
CA ILE B 239 -30.01 -1.37 -49.45
C ILE B 239 -31.20 -1.76 -50.36
N HIS B 240 -31.70 -2.99 -50.21
CA HIS B 240 -32.99 -3.42 -50.77
C HIS B 240 -34.10 -3.03 -49.78
N LEU B 241 -34.96 -2.08 -50.17
CA LEU B 241 -35.96 -1.53 -49.23
C LEU B 241 -37.40 -2.02 -49.46
N ILE B 305 -39.63 5.70 -41.72
CA ILE B 305 -39.84 6.37 -43.01
C ILE B 305 -38.92 7.58 -43.20
N ILE B 306 -38.91 8.13 -44.42
CA ILE B 306 -38.05 9.27 -44.79
C ILE B 306 -38.58 10.61 -44.21
N ASN B 307 -39.68 10.52 -43.45
CA ASN B 307 -40.35 11.69 -42.83
C ASN B 307 -39.38 12.60 -42.05
N ASN B 308 -38.83 12.09 -40.95
CA ASN B 308 -37.93 12.85 -40.08
C ASN B 308 -36.53 13.12 -40.66
N MET B 309 -36.16 12.36 -41.69
CA MET B 309 -34.82 12.42 -42.30
C MET B 309 -34.47 13.70 -43.07
N VAL B 310 -35.48 14.26 -43.74
CA VAL B 310 -35.31 15.46 -44.58
C VAL B 310 -34.98 16.69 -43.72
N ASP B 311 -35.70 16.83 -42.61
CA ASP B 311 -35.57 17.95 -41.67
C ASP B 311 -34.23 17.99 -40.91
N ASN B 312 -33.62 16.81 -40.73
CA ASN B 312 -32.43 16.63 -39.89
C ASN B 312 -31.08 16.99 -40.53
N ILE B 313 -30.90 16.63 -41.80
CA ILE B 313 -29.62 16.90 -42.49
C ILE B 313 -29.56 18.36 -42.94
N GLU B 314 -28.98 19.19 -42.08
CA GLU B 314 -28.85 20.63 -42.32
C GLU B 314 -27.53 20.93 -43.06
N PHE B 315 -26.40 20.45 -42.51
CA PHE B 315 -25.07 20.66 -43.13
C PHE B 315 -24.11 19.46 -42.99
N LEU B 316 -22.94 19.56 -43.63
CA LEU B 316 -21.90 18.52 -43.56
C LEU B 316 -20.48 19.11 -43.38
N SER B 317 -19.83 18.68 -42.30
CA SER B 317 -18.45 19.09 -41.99
C SER B 317 -17.53 17.86 -41.81
N ILE B 318 -16.48 17.80 -42.63
CA ILE B 318 -15.42 16.78 -42.51
C ILE B 318 -14.09 17.55 -42.44
N PRO B 319 -13.34 17.43 -41.32
CA PRO B 319 -13.72 16.68 -40.13
C PRO B 319 -14.92 17.30 -39.43
N HIS B 320 -15.62 16.51 -38.62
CA HIS B 320 -16.70 16.98 -37.75
C HIS B 320 -16.24 18.19 -36.91
N VAL B 321 -17.18 19.09 -36.62
CA VAL B 321 -16.89 20.35 -35.91
C VAL B 321 -16.24 20.13 -34.53
N TYR B 322 -16.79 19.22 -33.74
CA TYR B 322 -16.36 19.01 -32.36
C TYR B 322 -15.19 18.03 -32.16
N THR B 323 -14.67 17.53 -33.26
CA THR B 323 -13.54 16.57 -33.29
C THR B 323 -12.40 16.97 -32.36
N THR B 324 -11.96 18.22 -32.48
CA THR B 324 -10.86 18.72 -31.66
C THR B 324 -11.31 19.35 -30.32
N HIS B 325 -12.63 19.44 -30.12
CA HIS B 325 -13.19 20.19 -28.99
C HIS B 325 -13.70 19.36 -27.81
N ARG B 326 -14.62 18.42 -28.06
CA ARG B 326 -15.08 17.48 -27.03
C ARG B 326 -13.92 16.56 -26.58
N TYR B 327 -13.77 16.43 -25.25
CA TYR B 327 -12.75 15.55 -24.66
C TYR B 327 -13.04 14.08 -24.98
N SER B 328 -14.31 13.68 -24.87
CA SER B 328 -14.77 12.32 -25.14
C SER B 328 -14.38 11.80 -26.52
N ILE B 329 -14.42 12.66 -27.53
CA ILE B 329 -14.00 12.30 -28.89
C ILE B 329 -12.49 12.03 -28.92
N LEU B 330 -11.68 13.03 -28.53
CA LEU B 330 -10.20 12.87 -28.49
C LEU B 330 -9.71 11.65 -27.67
N LEU B 331 -10.48 11.32 -26.63
CA LEU B 331 -10.22 10.19 -25.75
C LEU B 331 -10.36 8.86 -26.49
N CYS B 332 -11.46 8.71 -27.23
CA CYS B 332 -11.66 7.54 -28.08
C CYS B 332 -10.64 7.45 -29.24
N LEU B 333 -10.39 8.56 -29.93
CA LEU B 333 -9.47 8.58 -31.07
C LEU B 333 -8.03 8.24 -30.68
N ASN B 334 -7.65 8.57 -29.44
CA ASN B 334 -6.37 8.20 -28.88
C ASN B 334 -6.22 6.67 -28.69
N ASP B 335 -7.35 5.97 -28.56
CA ASP B 335 -7.35 4.50 -28.53
C ASP B 335 -6.96 3.93 -29.90
N MET B 336 -7.55 4.49 -30.96
CA MET B 336 -7.44 3.90 -32.29
C MET B 336 -6.29 4.44 -33.10
N ILE B 337 -6.22 5.77 -33.22
CA ILE B 337 -5.37 6.40 -34.23
C ILE B 337 -4.47 7.52 -33.63
N PRO B 338 -3.62 7.17 -32.63
CA PRO B 338 -2.82 8.22 -31.98
C PRO B 338 -1.86 9.00 -32.89
N GLU B 339 -1.40 8.38 -33.97
CA GLU B 339 -0.40 9.02 -34.84
C GLU B 339 -1.01 9.77 -36.03
N TYR B 340 -2.32 9.75 -36.15
CA TYR B 340 -3.02 10.45 -37.23
C TYR B 340 -2.85 11.96 -37.14
N LYS B 341 -2.57 12.57 -38.29
CA LYS B 341 -2.47 14.02 -38.40
C LYS B 341 -3.26 14.49 -39.63
N HIS B 342 -4.48 14.96 -39.39
CA HIS B 342 -5.30 15.57 -40.43
C HIS B 342 -4.76 16.97 -40.76
N ASN B 343 -4.89 17.34 -42.04
CA ASN B 343 -4.39 18.62 -42.57
C ASN B 343 -4.94 19.85 -41.83
N VAL B 344 -6.19 19.76 -41.40
CA VAL B 344 -6.88 20.76 -40.57
C VAL B 344 -6.26 20.90 -39.17
N LEU B 345 -6.11 19.77 -38.46
CA LEU B 345 -5.69 19.75 -37.05
C LEU B 345 -4.20 20.02 -36.89
N ASN B 346 -3.84 20.73 -35.83
CA ASN B 346 -2.48 21.27 -35.69
C ASN B 346 -1.44 20.31 -35.14
N ASN B 347 -1.90 19.15 -34.63
CA ASN B 347 -1.02 18.09 -34.15
C ASN B 347 -1.64 16.70 -34.32
N THR B 348 -0.86 15.66 -34.00
CA THR B 348 -1.37 14.27 -33.96
C THR B 348 -2.45 14.11 -32.88
N ILE B 349 -3.37 13.17 -33.11
CA ILE B 349 -4.43 12.88 -32.14
C ILE B 349 -3.92 12.65 -30.71
N ARG B 350 -2.75 12.03 -30.56
CA ARG B 350 -2.11 11.81 -29.25
C ARG B 350 -1.62 13.11 -28.62
N CYS B 351 -0.91 13.93 -29.41
CA CYS B 351 -0.40 15.22 -28.92
C CYS B 351 -1.51 16.21 -28.56
N LEU B 352 -2.59 16.21 -29.35
CA LEU B 352 -3.82 16.92 -28.98
C LEU B 352 -4.48 16.33 -27.75
N TYR B 353 -4.48 15.00 -27.62
CA TYR B 353 -5.02 14.34 -26.43
C TYR B 353 -4.21 14.70 -25.17
N ASN B 354 -2.89 14.56 -25.25
CA ASN B 354 -1.99 14.82 -24.13
C ASN B 354 -2.02 16.27 -23.64
N LYS B 355 -2.15 17.22 -24.56
CA LYS B 355 -2.30 18.65 -24.23
C LYS B 355 -3.56 18.96 -23.39
N TYR B 356 -4.71 18.47 -23.84
CA TYR B 356 -5.99 18.58 -23.11
C TYR B 356 -5.89 18.06 -21.66
N VAL B 357 -5.21 16.93 -21.48
CA VAL B 357 -5.00 16.31 -20.16
C VAL B 357 -4.17 17.21 -19.23
N SER B 358 -3.02 17.65 -19.72
CA SER B 358 -2.10 18.50 -18.96
C SER B 358 -2.66 19.91 -18.70
N ARG B 359 -3.45 20.43 -19.63
CA ARG B 359 -4.10 21.73 -19.46
C ARG B 359 -5.26 21.71 -18.44
N MET B 360 -6.07 20.65 -18.44
CA MET B 360 -7.14 20.46 -17.42
C MET B 360 -6.62 20.37 -15.97
N LYS B 361 -5.41 19.83 -15.80
CA LYS B 361 -4.72 19.73 -14.51
C LYS B 361 -4.08 21.06 -14.10
N GLU B 362 -3.30 21.65 -15.02
CA GLU B 362 -2.56 22.89 -14.77
C GLU B 362 -3.46 24.11 -14.63
N GLN B 363 -4.48 24.21 -15.49
CA GLN B 363 -5.39 25.36 -15.54
C GLN B 363 -6.51 25.29 -14.49
N TYR B 364 -7.19 24.15 -14.42
CA TYR B 364 -8.39 23.98 -13.59
C TYR B 364 -8.23 23.09 -12.34
N ASN B 365 -7.04 22.52 -12.15
CA ASN B 365 -6.71 21.58 -11.05
C ASN B 365 -7.71 20.41 -10.93
N ILE B 366 -8.04 19.82 -12.08
CA ILE B 366 -8.95 18.67 -12.18
C ILE B 366 -8.25 17.55 -12.94
N ASN B 367 -8.22 16.37 -12.32
CA ASN B 367 -7.87 15.13 -13.01
C ASN B 367 -9.06 14.74 -13.89
N ILE B 368 -8.86 14.83 -15.21
CA ILE B 368 -9.91 14.60 -16.20
C ILE B 368 -10.42 13.13 -16.27
N LYS B 369 -9.58 12.19 -15.83
CA LYS B 369 -9.90 10.75 -15.86
C LYS B 369 -10.80 10.27 -14.70
N GLU B 370 -11.14 11.19 -13.79
CA GLU B 370 -11.99 10.94 -12.62
C GLU B 370 -13.46 10.72 -12.99
N ASN B 371 -13.97 11.51 -13.92
CA ASN B 371 -15.38 11.46 -14.35
C ASN B 371 -15.57 10.94 -15.78
N ASN B 372 -14.44 10.79 -16.50
CA ASN B 372 -14.41 10.19 -17.84
C ASN B 372 -13.76 8.82 -17.80
N LYS B 373 -14.54 7.82 -17.38
CA LYS B 373 -14.05 6.49 -17.03
C LYS B 373 -14.02 5.53 -18.21
N ARG B 374 -12.98 4.68 -18.26
CA ARG B 374 -12.88 3.61 -19.27
C ARG B 374 -13.75 2.41 -18.93
N ILE B 375 -14.42 1.85 -19.94
CA ILE B 375 -15.33 0.71 -19.75
C ILE B 375 -14.87 -0.55 -20.52
N TYR B 376 -14.92 -1.70 -19.85
CA TYR B 376 -14.89 -2.99 -20.51
C TYR B 376 -16.19 -3.73 -20.21
N VAL B 377 -16.50 -4.75 -21.02
CA VAL B 377 -17.78 -5.50 -20.93
C VAL B 377 -17.51 -6.99 -20.89
N LEU B 378 -18.01 -7.65 -19.86
CA LEU B 378 -17.81 -9.08 -19.70
C LEU B 378 -18.90 -9.88 -20.37
N LYS B 379 -20.13 -9.38 -20.29
CA LYS B 379 -21.26 -10.03 -20.93
C LYS B 379 -22.07 -8.99 -21.72
N ASP B 380 -22.96 -8.30 -21.02
CA ASP B 380 -23.86 -7.31 -21.60
C ASP B 380 -23.95 -6.05 -20.73
N ARG B 381 -23.34 -6.12 -19.54
CA ARG B 381 -23.29 -5.01 -18.56
C ARG B 381 -21.96 -4.25 -18.59
N ILE B 382 -22.02 -3.00 -18.14
CA ILE B 382 -20.87 -2.11 -18.10
C ILE B 382 -20.02 -2.42 -16.86
N SER B 383 -18.70 -2.43 -17.03
CA SER B 383 -17.76 -2.57 -15.93
C SER B 383 -16.73 -1.48 -16.07
N TYR B 384 -16.48 -0.76 -14.99
CA TYR B 384 -15.55 0.34 -15.02
C TYR B 384 -14.16 -0.22 -14.81
N LEU B 385 -13.27 0.09 -15.75
CA LEU B 385 -11.90 -0.39 -15.67
C LEU B 385 -11.29 0.00 -14.32
N LYS B 386 -10.62 -0.98 -13.71
CA LYS B 386 -9.86 -0.83 -12.47
C LYS B 386 -10.65 -0.49 -11.21
N GLU B 387 -11.98 -0.69 -11.24
CA GLU B 387 -12.84 -0.32 -10.12
C GLU B 387 -13.30 -1.47 -9.22
N LYS B 388 -13.10 -2.70 -9.68
CA LYS B 388 -13.43 -3.90 -8.91
C LYS B 388 -12.55 -5.10 -9.31
N THR B 389 -12.15 -5.88 -8.31
CA THR B 389 -11.51 -7.16 -8.52
C THR B 389 -12.56 -8.28 -8.48
N ASN B 390 -13.00 -8.72 -9.66
CA ASN B 390 -13.96 -9.81 -9.77
C ASN B 390 -13.27 -11.15 -9.52
N ILE B 391 -13.99 -12.04 -8.85
CA ILE B 391 -13.56 -13.41 -8.65
C ILE B 391 -14.11 -14.28 -9.78
N VAL B 392 -13.22 -15.07 -10.37
CA VAL B 392 -13.59 -16.06 -11.37
C VAL B 392 -13.36 -17.42 -10.73
N GLY B 393 -14.45 -18.15 -10.47
CA GLY B 393 -14.37 -19.49 -9.86
C GLY B 393 -13.95 -20.52 -10.89
N ILE B 394 -13.02 -21.40 -10.51
CA ILE B 394 -12.57 -22.46 -11.41
C ILE B 394 -13.44 -23.70 -11.26
N LEU B 395 -14.12 -24.08 -12.35
CA LEU B 395 -14.72 -25.42 -12.45
C LEU B 395 -13.94 -26.26 -13.46
N ASN B 396 -13.23 -27.23 -12.93
CA ASN B 396 -12.33 -28.09 -13.67
C ASN B 396 -12.87 -29.53 -13.65
N VAL B 397 -13.52 -29.94 -14.75
CA VAL B 397 -14.20 -31.25 -14.83
C VAL B 397 -13.24 -32.40 -15.13
N ASN B 398 -13.13 -33.31 -14.15
CA ASN B 398 -12.35 -34.56 -14.23
C ASN B 398 -10.92 -34.39 -14.75
N GLU B 410 -18.94 -36.38 -13.37
CA GLU B 410 -20.28 -36.45 -12.79
C GLU B 410 -20.99 -35.09 -12.85
N PRO B 411 -21.89 -34.87 -13.85
CA PRO B 411 -22.57 -33.59 -14.08
C PRO B 411 -23.35 -32.99 -12.90
N LYS B 412 -23.99 -33.84 -12.09
CA LYS B 412 -24.81 -33.39 -10.96
C LYS B 412 -23.97 -32.66 -9.91
N ARG B 413 -22.82 -33.25 -9.57
CA ARG B 413 -21.84 -32.67 -8.63
C ARG B 413 -21.28 -31.33 -9.12
N ALA B 414 -21.00 -31.23 -10.41
CA ALA B 414 -20.38 -30.04 -11.01
C ALA B 414 -21.33 -28.85 -11.07
N VAL B 415 -22.62 -29.12 -11.28
CA VAL B 415 -23.63 -28.06 -11.26
C VAL B 415 -23.89 -27.61 -9.82
N GLN B 416 -23.70 -28.51 -8.84
CA GLN B 416 -23.77 -28.17 -7.42
C GLN B 416 -22.66 -27.21 -7.02
N ARG B 417 -21.45 -27.49 -7.54
CA ARG B 417 -20.26 -26.67 -7.30
C ARG B 417 -20.38 -25.29 -7.92
N MET B 418 -21.01 -25.20 -9.09
CA MET B 418 -21.25 -23.90 -9.72
C MET B 418 -22.13 -23.01 -8.85
N PHE B 419 -23.23 -23.58 -8.34
CA PHE B 419 -24.16 -22.89 -7.44
C PHE B 419 -23.48 -22.47 -6.13
N GLU B 420 -22.73 -23.41 -5.54
CA GLU B 420 -21.87 -23.16 -4.39
C GLU B 420 -20.97 -21.94 -4.66
N MET B 421 -20.24 -21.95 -5.78
CA MET B 421 -19.32 -20.88 -6.15
C MET B 421 -19.98 -19.51 -6.28
N ILE B 422 -21.19 -19.49 -6.87
CA ILE B 422 -22.02 -18.27 -6.92
C ILE B 422 -22.30 -17.80 -5.48
N ASN B 423 -22.66 -18.74 -4.61
CA ASN B 423 -23.00 -18.45 -3.21
C ASN B 423 -21.80 -18.04 -2.37
N GLU B 424 -20.62 -18.52 -2.75
CA GLU B 424 -19.39 -18.10 -2.10
C GLU B 424 -18.90 -16.74 -2.61
N GLY B 425 -19.49 -16.25 -3.69
CA GLY B 425 -19.17 -14.91 -4.18
C GLY B 425 -18.40 -14.81 -5.49
N ALA B 426 -18.47 -15.83 -6.34
CA ALA B 426 -17.91 -15.71 -7.69
C ALA B 426 -18.86 -14.94 -8.60
N SER B 427 -18.31 -13.97 -9.33
CA SER B 427 -19.05 -13.22 -10.36
C SER B 427 -19.01 -13.93 -11.73
N VAL B 428 -17.98 -14.76 -11.90
CA VAL B 428 -17.71 -15.44 -13.16
C VAL B 428 -17.36 -16.85 -12.80
N ILE B 429 -17.78 -17.78 -13.67
CA ILE B 429 -17.41 -19.20 -13.57
C ILE B 429 -16.63 -19.55 -14.84
N ASP B 430 -15.47 -20.19 -14.65
CA ASP B 430 -14.57 -20.61 -15.74
C ASP B 430 -14.59 -22.13 -15.85
N ILE B 431 -15.29 -22.62 -16.87
CA ILE B 431 -15.46 -24.07 -17.08
C ILE B 431 -14.44 -24.62 -18.09
N GLY B 432 -13.83 -25.73 -17.72
CA GLY B 432 -12.85 -26.39 -18.59
C GLY B 432 -12.70 -27.87 -18.32
N GLY B 433 -12.77 -28.65 -19.39
CA GLY B 433 -12.47 -30.08 -19.32
C GLY B 433 -11.06 -30.31 -19.79
N GLU B 434 -10.69 -29.55 -20.84
CA GLU B 434 -9.37 -29.59 -21.48
C GLU B 434 -8.23 -29.32 -20.50
N ILE B 446 -12.56 -39.81 -22.72
CA ILE B 446 -13.73 -39.17 -23.30
C ILE B 446 -13.47 -37.70 -23.68
N SER B 447 -14.18 -37.22 -24.70
CA SER B 447 -13.92 -35.92 -25.35
C SER B 447 -14.16 -34.69 -24.45
N GLU B 448 -13.57 -33.57 -24.89
CA GLU B 448 -13.71 -32.27 -24.24
C GLU B 448 -15.19 -31.89 -24.19
N ARG B 449 -15.86 -32.02 -25.34
CA ARG B 449 -17.29 -31.71 -25.46
C ARG B 449 -18.19 -32.46 -24.48
N ASP B 450 -17.86 -33.73 -24.23
CA ASP B 450 -18.71 -34.58 -23.40
C ASP B 450 -18.55 -34.27 -21.93
N LEU B 451 -17.34 -33.83 -21.55
CA LEU B 451 -17.06 -33.37 -20.20
C LEU B 451 -17.75 -32.03 -19.87
N VAL B 452 -17.89 -31.14 -20.86
CA VAL B 452 -18.32 -29.75 -20.57
C VAL B 452 -19.70 -29.29 -21.06
N VAL B 453 -20.09 -29.68 -22.27
CA VAL B 453 -21.36 -29.24 -22.86
C VAL B 453 -22.60 -29.70 -22.05
N PRO B 454 -22.62 -30.98 -21.55
CA PRO B 454 -23.75 -31.39 -20.69
C PRO B 454 -23.86 -30.56 -19.42
N VAL B 455 -22.72 -30.36 -18.74
CA VAL B 455 -22.62 -29.55 -17.51
C VAL B 455 -23.18 -28.14 -17.73
N LEU B 456 -22.80 -27.51 -18.84
CA LEU B 456 -23.30 -26.18 -19.18
C LEU B 456 -24.80 -26.18 -19.51
N GLN B 457 -25.27 -27.25 -20.14
CA GLN B 457 -26.68 -27.43 -20.52
C GLN B 457 -27.57 -27.74 -19.32
N LEU B 458 -27.06 -28.59 -18.42
CA LEU B 458 -27.67 -28.86 -17.12
C LEU B 458 -27.71 -27.59 -16.27
N PHE B 459 -26.62 -26.83 -16.23
CA PHE B 459 -26.58 -25.56 -15.47
C PHE B 459 -27.64 -24.59 -15.98
N GLN B 460 -27.65 -24.34 -17.29
CA GLN B 460 -28.57 -23.40 -17.93
C GLN B 460 -30.03 -23.75 -17.59
N LYS B 461 -30.30 -25.06 -17.47
CA LYS B 461 -31.62 -25.58 -17.16
C LYS B 461 -31.98 -25.35 -15.69
N GLU B 462 -31.13 -25.84 -14.78
CA GLU B 462 -31.30 -25.68 -13.34
C GLU B 462 -31.50 -24.21 -12.91
N TRP B 463 -30.81 -23.31 -13.62
CA TRP B 463 -30.95 -21.87 -13.42
C TRP B 463 -32.34 -21.34 -13.80
N ASN B 464 -32.96 -21.95 -14.81
CA ASN B 464 -34.32 -21.60 -15.21
C ASN B 464 -35.36 -22.24 -14.28
N ASP B 465 -35.04 -23.41 -13.73
CA ASP B 465 -35.81 -24.03 -12.65
C ASP B 465 -35.46 -23.36 -11.33
N ALA B 475 -28.72 -11.79 -10.92
CA ALA B 475 -27.58 -12.34 -10.18
C ALA B 475 -26.96 -13.59 -10.86
N LYS B 476 -27.17 -13.70 -12.17
CA LYS B 476 -26.66 -14.83 -12.95
C LYS B 476 -25.16 -14.69 -13.14
N PRO B 477 -24.40 -15.77 -12.88
CA PRO B 477 -22.97 -15.66 -13.15
C PRO B 477 -22.70 -15.59 -14.65
N ILE B 478 -21.68 -14.81 -14.99
CA ILE B 478 -21.05 -14.81 -16.28
C ILE B 478 -20.29 -16.12 -16.46
N ILE B 479 -20.50 -16.77 -17.59
CA ILE B 479 -19.88 -18.06 -17.90
C ILE B 479 -18.74 -17.95 -18.91
N SER B 480 -17.59 -18.46 -18.48
CA SER B 480 -16.36 -18.44 -19.26
C SER B 480 -15.98 -19.88 -19.55
N ILE B 481 -15.65 -20.16 -20.82
CA ILE B 481 -15.17 -21.51 -21.20
C ILE B 481 -13.67 -21.51 -21.53
N ASP B 482 -12.93 -22.38 -20.84
CA ASP B 482 -11.48 -22.53 -21.01
C ASP B 482 -11.23 -23.54 -22.14
N THR B 483 -11.27 -23.05 -23.37
CA THR B 483 -11.07 -23.92 -24.53
C THR B 483 -10.21 -23.24 -25.60
N ILE B 484 -9.60 -24.08 -26.43
CA ILE B 484 -8.92 -23.66 -27.67
C ILE B 484 -9.53 -24.38 -28.87
N ASN B 485 -10.53 -25.22 -28.59
CA ASN B 485 -11.23 -26.01 -29.60
C ASN B 485 -12.39 -25.23 -30.22
N TYR B 486 -12.26 -24.92 -31.52
CA TYR B 486 -13.27 -24.19 -32.30
C TYR B 486 -14.67 -24.80 -32.21
N ASN B 487 -14.76 -26.13 -32.33
CA ASN B 487 -16.05 -26.82 -32.38
C ASN B 487 -16.77 -26.83 -31.04
N VAL B 488 -16.00 -26.93 -29.96
CA VAL B 488 -16.55 -26.85 -28.62
C VAL B 488 -17.14 -25.46 -28.33
N PHE B 489 -16.41 -24.40 -28.71
CA PHE B 489 -16.92 -23.04 -28.53
C PHE B 489 -18.16 -22.78 -29.37
N LYS B 490 -18.11 -23.16 -30.65
CA LYS B 490 -19.25 -23.04 -31.59
C LYS B 490 -20.54 -23.66 -31.04
N GLU B 491 -20.45 -24.85 -30.47
CA GLU B 491 -21.63 -25.49 -29.89
C GLU B 491 -22.21 -24.69 -28.69
N CYS B 492 -21.34 -24.32 -27.75
CA CYS B 492 -21.74 -23.57 -26.56
C CYS B 492 -22.42 -22.25 -26.94
N VAL B 493 -21.81 -21.58 -27.91
CA VAL B 493 -22.26 -20.29 -28.40
C VAL B 493 -23.58 -20.35 -29.20
N ASP B 494 -23.76 -21.40 -29.99
CA ASP B 494 -25.02 -21.64 -30.73
C ASP B 494 -26.19 -21.96 -29.79
N ASN B 495 -25.88 -22.59 -28.65
CA ASN B 495 -26.85 -23.00 -27.63
C ASN B 495 -26.95 -22.05 -26.43
N ASP B 496 -26.40 -20.84 -26.58
CA ASP B 496 -26.33 -19.82 -25.52
C ASP B 496 -25.95 -20.37 -24.13
N LEU B 497 -24.83 -21.08 -24.07
CA LEU B 497 -24.34 -21.71 -22.84
C LEU B 497 -23.15 -21.00 -22.17
N VAL B 498 -22.57 -20.02 -22.86
CA VAL B 498 -21.37 -19.31 -22.39
C VAL B 498 -21.41 -17.83 -22.81
N ASP B 499 -20.67 -16.99 -22.09
CA ASP B 499 -20.54 -15.58 -22.45
C ASP B 499 -19.12 -15.22 -22.88
N ILE B 500 -18.14 -15.96 -22.39
CA ILE B 500 -16.73 -15.63 -22.59
C ILE B 500 -15.93 -16.83 -23.06
N LEU B 501 -15.06 -16.57 -24.05
CA LEU B 501 -14.00 -17.49 -24.46
C LEU B 501 -12.72 -17.22 -23.67
N ASN B 502 -12.27 -18.21 -22.90
CA ASN B 502 -10.95 -18.16 -22.28
C ASN B 502 -10.01 -18.99 -23.16
N ASP B 503 -9.27 -18.32 -24.03
CA ASP B 503 -8.31 -18.94 -24.95
C ASP B 503 -6.88 -18.83 -24.46
N ILE B 504 -6.36 -19.91 -23.87
CA ILE B 504 -5.00 -19.91 -23.34
C ILE B 504 -3.90 -19.91 -24.40
N SER B 505 -4.26 -19.89 -25.68
CA SER B 505 -3.27 -19.77 -26.74
C SER B 505 -3.33 -18.40 -27.37
N ALA B 506 -4.17 -17.52 -26.80
CA ALA B 506 -4.45 -16.15 -27.29
C ALA B 506 -4.96 -16.19 -28.73
N CYS B 507 -5.77 -17.20 -29.01
CA CYS B 507 -6.37 -17.40 -30.34
C CYS B 507 -5.33 -17.70 -31.46
N THR B 508 -4.24 -18.36 -31.12
CA THR B 508 -3.22 -18.72 -32.12
C THR B 508 -3.28 -20.20 -32.49
N ASN B 509 -3.88 -21.02 -31.63
CA ASN B 509 -4.14 -22.42 -31.94
C ASN B 509 -5.03 -22.49 -33.18
N ASN B 510 -6.04 -21.62 -33.22
CA ASN B 510 -6.96 -21.56 -34.32
C ASN B 510 -7.53 -20.15 -34.43
N PRO B 511 -6.89 -19.30 -35.24
CA PRO B 511 -7.39 -17.92 -35.32
C PRO B 511 -8.85 -17.80 -35.78
N GLU B 512 -9.38 -18.85 -36.41
CA GLU B 512 -10.75 -18.86 -36.90
C GLU B 512 -11.77 -18.71 -35.77
N ILE B 513 -11.35 -19.01 -34.54
CA ILE B 513 -12.23 -18.97 -33.36
C ILE B 513 -12.80 -17.56 -33.13
N ILE B 514 -12.04 -16.56 -33.57
CA ILE B 514 -12.39 -15.15 -33.49
C ILE B 514 -13.71 -14.83 -34.22
N LYS B 515 -13.96 -15.49 -35.35
CA LYS B 515 -15.23 -15.37 -36.09
C LYS B 515 -16.47 -15.67 -35.23
N LEU B 516 -16.32 -16.56 -34.24
CA LEU B 516 -17.41 -16.97 -33.35
C LEU B 516 -17.71 -15.98 -32.20
N LEU B 517 -16.89 -14.95 -32.05
CA LEU B 517 -17.13 -13.92 -31.03
C LEU B 517 -18.10 -12.83 -31.56
N LYS B 518 -18.57 -13.04 -32.79
CA LYS B 518 -19.53 -12.18 -33.48
C LYS B 518 -20.75 -12.98 -33.94
N LYS B 519 -21.92 -12.36 -33.80
CA LYS B 519 -23.16 -12.77 -34.49
C LYS B 519 -23.77 -11.52 -35.11
N LYS B 520 -25.01 -11.63 -35.59
CA LYS B 520 -25.74 -10.44 -36.04
C LYS B 520 -25.93 -9.51 -34.84
N ASN B 521 -26.45 -10.07 -33.75
CA ASN B 521 -26.84 -9.28 -32.58
C ASN B 521 -25.92 -9.46 -31.37
N LYS B 522 -24.98 -10.41 -31.47
CA LYS B 522 -24.12 -10.77 -30.34
C LYS B 522 -22.65 -10.42 -30.52
N PHE B 523 -22.03 -10.06 -29.41
CA PHE B 523 -20.59 -10.01 -29.28
C PHE B 523 -20.26 -10.75 -27.99
N TYR B 524 -19.26 -11.61 -28.02
CA TYR B 524 -18.79 -12.32 -26.83
C TYR B 524 -17.44 -11.75 -26.45
N SER B 525 -17.13 -11.75 -25.15
CA SER B 525 -15.81 -11.30 -24.73
C SER B 525 -14.81 -12.47 -24.72
N VAL B 526 -13.54 -12.13 -24.65
CA VAL B 526 -12.47 -13.12 -24.77
C VAL B 526 -11.29 -12.75 -23.86
N VAL B 527 -10.72 -13.79 -23.23
CA VAL B 527 -9.46 -13.67 -22.51
C VAL B 527 -8.31 -14.18 -23.41
N LEU B 528 -7.34 -13.31 -23.64
CA LEU B 528 -6.09 -13.66 -24.33
C LEU B 528 -4.96 -13.88 -23.33
N MET B 529 -4.47 -15.11 -23.28
CA MET B 529 -3.39 -15.48 -22.38
C MET B 529 -2.09 -15.74 -23.14
N HIS B 530 -0.97 -15.30 -22.56
CA HIS B 530 0.35 -15.64 -23.07
C HIS B 530 0.94 -16.93 -22.51
N LYS B 531 1.44 -17.76 -23.41
CA LYS B 531 2.20 -18.96 -23.05
C LYS B 531 3.12 -19.31 -24.20
N ARG B 532 4.07 -20.22 -23.95
CA ARG B 532 4.82 -20.89 -25.02
C ARG B 532 4.71 -22.40 -24.83
N GLY B 533 4.59 -23.11 -25.94
CA GLY B 533 4.55 -24.56 -25.94
C GLY B 533 3.28 -25.13 -25.34
N ASN B 534 3.41 -26.36 -24.85
CA ASN B 534 2.29 -27.12 -24.28
C ASN B 534 2.66 -27.45 -22.83
N PRO B 535 1.82 -28.22 -22.12
CA PRO B 535 2.08 -28.54 -20.69
C PRO B 535 3.42 -29.23 -20.41
N HIS B 536 3.85 -30.13 -21.30
CA HIS B 536 5.06 -30.93 -21.12
C HIS B 536 6.39 -30.24 -21.46
N THR B 537 6.33 -29.25 -22.35
CA THR B 537 7.55 -28.55 -22.80
C THR B 537 7.77 -27.16 -22.18
N MET B 538 6.70 -26.52 -21.72
CA MET B 538 6.72 -25.09 -21.29
C MET B 538 7.76 -24.67 -20.24
N ASP B 539 8.04 -25.54 -19.26
CA ASP B 539 9.04 -25.29 -18.20
C ASP B 539 10.41 -24.97 -18.78
N LYS B 540 10.65 -25.43 -20.01
CA LYS B 540 11.93 -25.26 -20.68
C LYS B 540 12.06 -23.96 -21.49
N LEU B 541 10.92 -23.34 -21.81
CA LEU B 541 10.88 -22.26 -22.79
C LEU B 541 10.90 -20.89 -22.13
N THR B 542 11.92 -20.66 -21.31
CA THR B 542 11.91 -19.54 -20.39
C THR B 542 12.86 -18.39 -20.72
N ASN B 543 13.48 -18.41 -21.91
CA ASN B 543 14.36 -17.29 -22.29
C ASN B 543 13.58 -16.18 -22.95
N TYR B 544 13.69 -14.98 -22.40
CA TYR B 544 13.00 -13.81 -22.91
C TYR B 544 14.00 -12.69 -23.08
N ASP B 545 13.84 -11.93 -24.15
CA ASP B 545 14.68 -10.78 -24.42
C ASP B 545 14.38 -9.73 -23.33
N ASN B 546 13.10 -9.46 -23.12
CA ASN B 546 12.61 -8.57 -22.09
C ASN B 546 11.27 -9.12 -21.63
N LEU B 547 11.32 -9.93 -20.57
CA LEU B 547 10.13 -10.67 -20.10
C LEU B 547 8.84 -9.87 -20.07
N VAL B 548 8.85 -8.78 -19.31
CA VAL B 548 7.67 -7.94 -19.08
C VAL B 548 7.16 -7.38 -20.39
N TYR B 549 8.06 -6.83 -21.19
CA TYR B 549 7.68 -6.15 -22.43
C TYR B 549 7.39 -7.05 -23.61
N ASP B 550 8.07 -8.19 -23.69
CA ASP B 550 7.75 -9.19 -24.73
C ASP B 550 6.29 -9.71 -24.59
N ILE B 551 5.86 -9.98 -23.37
CA ILE B 551 4.50 -10.48 -23.13
C ILE B 551 3.43 -9.40 -23.37
N LYS B 552 3.70 -8.17 -22.91
CA LYS B 552 2.78 -7.05 -23.14
C LYS B 552 2.59 -6.78 -24.65
N ASN B 553 3.72 -6.66 -25.37
CA ASN B 553 3.70 -6.44 -26.83
C ASN B 553 3.01 -7.61 -27.52
N TYR B 554 3.32 -8.83 -27.07
CA TYR B 554 2.66 -10.01 -27.59
C TYR B 554 1.15 -9.88 -27.50
N LEU B 555 0.67 -9.55 -26.32
CA LEU B 555 -0.76 -9.40 -26.05
C LEU B 555 -1.38 -8.18 -26.76
N GLU B 556 -0.65 -7.07 -26.78
CA GLU B 556 -0.97 -5.93 -27.64
C GLU B 556 -1.06 -6.29 -29.14
N GLN B 557 -0.11 -7.06 -29.69
CA GLN B 557 -0.24 -7.51 -31.10
C GLN B 557 -1.56 -8.31 -31.27
N ARG B 558 -1.85 -9.22 -30.34
CA ARG B 558 -3.06 -10.02 -30.43
C ARG B 558 -4.33 -9.19 -30.38
N LEU B 559 -4.41 -8.24 -29.44
CA LEU B 559 -5.54 -7.32 -29.39
C LEU B 559 -5.71 -6.61 -30.75
N ASN B 560 -4.64 -6.03 -31.27
CA ASN B 560 -4.66 -5.41 -32.62
C ASN B 560 -5.24 -6.31 -33.71
N PHE B 561 -4.92 -7.61 -33.65
CA PHE B 561 -5.39 -8.54 -34.66
C PHE B 561 -6.90 -8.73 -34.55
N LEU B 562 -7.39 -9.00 -33.34
CA LEU B 562 -8.84 -9.13 -33.07
C LEU B 562 -9.59 -7.83 -33.38
N VAL B 563 -8.94 -6.70 -33.16
CA VAL B 563 -9.58 -5.41 -33.41
C VAL B 563 -9.65 -5.13 -34.92
N LEU B 564 -8.54 -5.32 -35.63
CA LEU B 564 -8.53 -5.26 -37.09
C LEU B 564 -9.69 -6.04 -37.69
N ASN B 565 -10.08 -7.12 -37.03
CA ASN B 565 -11.18 -7.99 -37.45
C ASN B 565 -12.54 -7.74 -36.80
N GLY B 566 -12.69 -6.58 -36.14
CA GLY B 566 -13.99 -6.14 -35.65
C GLY B 566 -14.47 -6.71 -34.34
N ILE B 567 -13.57 -7.31 -33.56
CA ILE B 567 -13.89 -7.60 -32.16
C ILE B 567 -13.76 -6.27 -31.40
N PRO B 568 -14.82 -5.87 -30.65
CA PRO B 568 -14.77 -4.59 -29.93
C PRO B 568 -13.58 -4.57 -28.96
N ARG B 569 -12.76 -3.53 -29.05
CA ARG B 569 -11.62 -3.33 -28.15
C ARG B 569 -11.98 -3.61 -26.68
N TYR B 570 -13.09 -3.05 -26.24
CA TYR B 570 -13.56 -3.14 -24.85
C TYR B 570 -14.04 -4.54 -24.42
N ARG B 571 -13.90 -5.53 -25.29
CA ARG B 571 -14.28 -6.91 -24.93
C ARG B 571 -13.08 -7.88 -24.78
N ILE B 572 -11.88 -7.36 -24.92
CA ILE B 572 -10.68 -8.18 -24.94
C ILE B 572 -9.94 -8.04 -23.61
N LEU B 573 -9.72 -9.17 -22.94
CA LEU B 573 -9.00 -9.17 -21.68
C LEU B 573 -7.59 -9.76 -21.79
N PHE B 574 -6.64 -9.13 -21.08
CA PHE B 574 -5.23 -9.53 -21.09
C PHE B 574 -4.94 -10.45 -19.94
N ASP B 575 -4.21 -11.52 -20.25
CA ASP B 575 -3.68 -12.45 -19.23
C ASP B 575 -2.22 -12.76 -19.51
N ILE B 576 -1.40 -12.49 -18.53
CA ILE B 576 0.05 -12.72 -18.59
C ILE B 576 0.45 -14.19 -18.59
N GLY B 577 -0.45 -15.06 -18.17
CA GLY B 577 -0.20 -16.50 -18.13
C GLY B 577 0.84 -16.97 -17.13
N LEU B 578 0.69 -16.56 -15.87
CA LEU B 578 1.54 -17.02 -14.77
C LEU B 578 1.73 -18.52 -14.80
N GLY B 579 2.98 -18.92 -14.63
CA GLY B 579 3.35 -20.35 -14.65
C GLY B 579 3.41 -21.06 -16.01
N PHE B 580 3.06 -20.36 -17.09
CA PHE B 580 3.15 -20.94 -18.45
C PHE B 580 4.41 -20.44 -19.13
N ALA B 581 5.45 -21.29 -19.18
CA ALA B 581 6.75 -20.94 -19.79
C ALA B 581 7.40 -19.78 -19.06
N LYS B 582 7.21 -19.78 -17.74
CA LYS B 582 7.78 -18.81 -16.85
C LYS B 582 8.38 -19.60 -15.67
N LYS B 583 9.62 -19.31 -15.33
CA LYS B 583 10.16 -19.75 -14.05
C LYS B 583 9.52 -18.99 -12.88
N HIS B 584 9.66 -19.54 -11.68
CA HIS B 584 9.08 -18.94 -10.50
C HIS B 584 9.43 -17.47 -10.32
N ASP B 585 10.72 -17.11 -10.42
CA ASP B 585 11.15 -15.70 -10.40
C ASP B 585 10.52 -14.83 -11.50
N GLN B 586 10.26 -15.42 -12.68
CA GLN B 586 9.64 -14.69 -13.79
C GLN B 586 8.15 -14.44 -13.55
N SER B 587 7.45 -15.43 -13.02
CA SER B 587 6.07 -15.22 -12.58
C SER B 587 5.99 -14.05 -11.55
N ILE B 588 6.88 -14.06 -10.56
CA ILE B 588 6.99 -13.00 -9.57
C ILE B 588 7.27 -11.64 -10.23
N LYS B 589 8.23 -11.64 -11.18
CA LYS B 589 8.65 -10.41 -11.88
C LYS B 589 7.46 -9.83 -12.62
N LEU B 590 6.65 -10.71 -13.19
CA LEU B 590 5.45 -10.32 -13.90
C LEU B 590 4.45 -9.68 -12.96
N LEU B 591 4.29 -10.24 -11.76
CA LEU B 591 3.38 -9.62 -10.79
C LEU B 591 3.92 -8.28 -10.31
N GLN B 592 5.22 -8.24 -9.99
CA GLN B 592 5.91 -7.00 -9.60
C GLN B 592 5.71 -5.88 -10.60
N ASN B 593 5.52 -6.24 -11.87
CA ASN B 593 5.40 -5.28 -12.95
C ASN B 593 4.00 -5.25 -13.58
N ILE B 594 2.99 -5.60 -12.79
CA ILE B 594 1.60 -5.68 -13.25
C ILE B 594 1.01 -4.34 -13.71
N HIS B 595 1.59 -3.22 -13.22
CA HIS B 595 1.18 -1.83 -13.54
C HIS B 595 1.26 -1.51 -15.05
N VAL B 596 2.13 -2.23 -15.73
CA VAL B 596 2.23 -2.19 -17.18
C VAL B 596 0.85 -2.45 -17.87
N TYR B 597 -0.11 -3.01 -17.13
CA TYR B 597 -1.48 -3.24 -17.60
C TYR B 597 -2.55 -2.24 -17.07
N ASP B 598 -2.10 -1.10 -16.53
CA ASP B 598 -3.01 -0.05 -15.98
C ASP B 598 -4.10 0.47 -16.98
N GLU B 599 -3.82 0.40 -18.28
CA GLU B 599 -4.75 0.85 -19.33
C GLU B 599 -5.72 -0.23 -19.80
N TYR B 600 -5.49 -1.48 -19.37
CA TYR B 600 -6.16 -2.61 -19.98
C TYR B 600 -6.96 -3.45 -19.00
N PRO B 601 -8.02 -4.14 -19.50
CA PRO B 601 -8.67 -5.13 -18.64
C PRO B 601 -7.75 -6.33 -18.45
N LEU B 602 -7.49 -6.66 -17.19
CA LEU B 602 -6.50 -7.62 -16.82
C LEU B 602 -7.13 -8.73 -16.04
N PHE B 603 -6.76 -9.95 -16.42
CA PHE B 603 -7.29 -11.18 -15.91
C PHE B 603 -6.04 -11.99 -15.60
N ILE B 604 -5.90 -12.48 -14.37
CA ILE B 604 -4.72 -13.30 -14.00
C ILE B 604 -5.12 -14.55 -13.25
N GLY B 605 -4.31 -15.59 -13.37
CA GLY B 605 -4.49 -16.79 -12.60
C GLY B 605 -3.22 -17.25 -11.95
N TYR B 606 -3.17 -17.12 -10.63
CA TYR B 606 -2.05 -17.59 -9.83
C TYR B 606 -2.43 -18.84 -9.05
N SER B 607 -3.73 -19.07 -8.90
CA SER B 607 -4.24 -20.01 -7.92
C SER B 607 -3.62 -21.40 -7.93
N ARG B 608 -3.08 -21.78 -6.78
CA ARG B 608 -2.46 -23.09 -6.54
C ARG B 608 -1.24 -23.44 -7.40
N LYS B 609 -0.72 -22.47 -8.14
CA LYS B 609 0.40 -22.71 -9.05
C LYS B 609 1.70 -22.84 -8.26
N ARG B 610 2.70 -23.46 -8.86
CA ARG B 610 3.90 -23.87 -8.16
C ARG B 610 4.75 -22.70 -7.66
N PHE B 611 4.74 -21.58 -8.37
CA PHE B 611 5.54 -20.41 -7.96
C PHE B 611 5.23 -19.89 -6.54
N ILE B 612 3.96 -19.98 -6.11
CA ILE B 612 3.54 -19.55 -4.78
C ILE B 612 4.33 -20.29 -3.71
N ALA B 613 4.41 -21.63 -3.83
CA ALA B 613 5.17 -22.50 -2.92
C ALA B 613 6.64 -22.13 -2.80
N HIS B 614 7.27 -21.79 -3.94
CA HIS B 614 8.68 -21.42 -4.05
C HIS B 614 9.04 -20.20 -3.20
N CYS B 615 8.07 -19.30 -3.00
CA CYS B 615 8.21 -18.13 -2.11
C CYS B 615 8.34 -18.44 -0.61
N MET B 616 7.78 -19.56 -0.16
CA MET B 616 7.78 -19.94 1.27
C MET B 616 9.09 -20.56 1.75
N ASN B 617 9.42 -20.30 3.01
CA ASN B 617 10.59 -20.88 3.67
C ASN B 617 10.27 -22.26 4.25
N ASP B 657 1.90 -35.50 6.59
CA ASP B 657 1.38 -34.17 6.88
C ASP B 657 2.14 -33.09 6.12
N LYS B 658 3.35 -33.44 5.66
CA LYS B 658 4.26 -32.55 4.94
C LYS B 658 3.74 -32.06 3.58
N ASP B 659 3.09 -32.95 2.83
CA ASP B 659 2.45 -32.61 1.55
C ASP B 659 1.13 -31.83 1.71
N GLN B 660 0.43 -32.08 2.82
CA GLN B 660 -0.84 -31.42 3.14
C GLN B 660 -0.62 -30.00 3.69
N LEU B 661 0.53 -29.82 4.36
CA LEU B 661 0.97 -28.52 4.87
C LEU B 661 1.29 -27.59 3.69
N LEU B 662 2.07 -28.10 2.74
CA LEU B 662 2.45 -27.37 1.53
C LEU B 662 1.22 -26.95 0.71
N TYR B 663 0.19 -27.80 0.68
CA TYR B 663 -1.10 -27.52 0.04
C TYR B 663 -1.82 -26.35 0.73
N GLN B 664 -1.94 -26.44 2.06
CA GLN B 664 -2.53 -25.36 2.85
C GLN B 664 -1.77 -24.02 2.72
N LYS B 665 -0.44 -24.05 2.87
CA LYS B 665 0.42 -22.86 2.66
C LYS B 665 0.18 -22.23 1.28
N ASN B 666 0.03 -23.09 0.27
CA ASN B 666 -0.15 -22.64 -1.09
C ASN B 666 -1.47 -21.89 -1.31
N ILE B 667 -2.56 -22.33 -0.66
CA ILE B 667 -3.85 -21.61 -0.72
C ILE B 667 -3.74 -20.27 0.01
N CYS B 668 -3.07 -20.29 1.16
CA CYS B 668 -2.89 -19.10 1.97
C CYS B 668 -2.00 -18.07 1.24
N GLY B 669 -0.92 -18.55 0.62
CA GLY B 669 -0.05 -17.70 -0.19
C GLY B 669 -0.76 -17.02 -1.34
N GLY B 670 -1.77 -17.71 -1.89
CA GLY B 670 -2.63 -17.18 -2.94
C GLY B 670 -3.40 -16.00 -2.47
N LEU B 671 -3.79 -16.02 -1.19
CA LEU B 671 -4.56 -14.92 -0.60
C LEU B 671 -3.74 -13.63 -0.51
N ALA B 672 -2.44 -13.78 -0.26
CA ALA B 672 -1.52 -12.65 -0.40
C ALA B 672 -1.57 -12.06 -1.83
N ILE B 673 -1.62 -12.93 -2.85
CA ILE B 673 -1.72 -12.47 -4.22
C ILE B 673 -3.09 -11.87 -4.52
N ALA B 674 -4.17 -12.44 -3.96
CA ALA B 674 -5.48 -11.76 -4.01
C ALA B 674 -5.40 -10.31 -3.49
N SER B 675 -4.71 -10.13 -2.35
CA SER B 675 -4.55 -8.83 -1.70
C SER B 675 -3.80 -7.88 -2.59
N TYR B 676 -2.65 -8.37 -3.08
CA TYR B 676 -1.83 -7.62 -4.04
C TYR B 676 -2.65 -7.23 -5.25
N SER B 677 -3.37 -8.20 -5.83
CA SER B 677 -4.22 -7.99 -7.00
C SER B 677 -5.27 -6.90 -6.76
N TYR B 678 -5.91 -6.96 -5.59
CA TYR B 678 -6.84 -5.92 -5.12
C TYR B 678 -6.19 -4.53 -5.10
N TYR B 679 -4.99 -4.41 -4.52
CA TYR B 679 -4.35 -3.09 -4.46
C TYR B 679 -3.89 -2.61 -5.80
N LYS B 680 -3.49 -3.56 -6.65
CA LYS B 680 -3.05 -3.27 -7.99
C LYS B 680 -4.22 -3.07 -8.96
N LYS B 681 -5.43 -3.38 -8.50
CA LYS B 681 -6.66 -3.17 -9.27
C LYS B 681 -6.79 -4.09 -10.49
N VAL B 682 -6.31 -5.32 -10.33
CA VAL B 682 -6.53 -6.40 -11.27
C VAL B 682 -8.05 -6.60 -11.39
N ASP B 683 -8.55 -6.57 -12.63
CA ASP B 683 -9.98 -6.69 -12.90
C ASP B 683 -10.58 -8.07 -12.62
N LEU B 684 -9.89 -9.14 -13.02
CA LEU B 684 -10.36 -10.50 -12.73
C LEU B 684 -9.23 -11.37 -12.22
N ILE B 685 -9.55 -12.21 -11.24
CA ILE B 685 -8.62 -13.19 -10.69
C ILE B 685 -9.32 -14.54 -10.72
N ARG B 686 -8.64 -15.48 -11.37
CA ARG B 686 -9.13 -16.82 -11.58
C ARG B 686 -8.66 -17.67 -10.41
N VAL B 687 -9.60 -18.20 -9.60
CA VAL B 687 -9.23 -18.90 -8.34
C VAL B 687 -9.98 -20.21 -8.10
N HIS B 688 -9.33 -21.14 -7.40
CA HIS B 688 -9.97 -22.34 -6.90
C HIS B 688 -10.81 -22.10 -5.65
N ASP B 689 -10.28 -21.33 -4.70
CA ASP B 689 -10.87 -21.17 -3.37
C ASP B 689 -11.67 -19.85 -3.28
N VAL B 690 -12.95 -19.93 -3.66
CA VAL B 690 -13.79 -18.73 -3.78
C VAL B 690 -14.09 -18.07 -2.43
N LEU B 691 -14.59 -18.87 -1.47
CA LEU B 691 -15.02 -18.34 -0.18
C LEU B 691 -13.90 -17.53 0.48
N GLU B 692 -12.72 -18.15 0.55
CA GLU B 692 -11.52 -17.56 1.15
C GLU B 692 -11.16 -16.23 0.47
N THR B 693 -11.13 -16.23 -0.87
CA THR B 693 -10.80 -15.06 -1.67
C THR B 693 -11.85 -13.96 -1.47
N LYS B 694 -13.12 -14.32 -1.49
CA LYS B 694 -14.22 -13.38 -1.24
C LYS B 694 -14.13 -12.74 0.15
N SER B 695 -13.74 -13.54 1.15
CA SER B 695 -13.61 -13.05 2.51
C SER B 695 -12.57 -11.95 2.58
N VAL B 696 -11.41 -12.23 1.97
CA VAL B 696 -10.29 -11.31 1.90
C VAL B 696 -10.68 -10.02 1.15
N LEU B 697 -11.28 -10.16 -0.02
CA LEU B 697 -11.65 -9.00 -0.85
C LEU B 697 -12.63 -8.07 -0.13
N ASP B 698 -13.58 -8.68 0.60
CA ASP B 698 -14.57 -7.98 1.39
C ASP B 698 -13.94 -7.13 2.50
N VAL B 699 -13.06 -7.73 3.31
CA VAL B 699 -12.38 -7.00 4.37
C VAL B 699 -11.57 -5.82 3.79
N LEU B 700 -10.86 -6.06 2.69
CA LEU B 700 -10.07 -5.01 2.05
C LEU B 700 -10.94 -3.91 1.46
N THR B 701 -12.10 -4.27 0.92
CA THR B 701 -13.04 -3.31 0.37
C THR B 701 -13.57 -2.40 1.50
N LYS B 702 -13.89 -3.01 2.65
CA LYS B 702 -14.35 -2.31 3.86
C LYS B 702 -13.36 -1.28 4.37
N ILE B 703 -12.12 -1.74 4.58
CA ILE B 703 -11.04 -0.86 4.99
C ILE B 703 -10.93 0.35 4.05
N ASP B 704 -11.12 0.14 2.76
CA ASP B 704 -11.06 1.22 1.76
C ASP B 704 -12.27 2.16 1.67
N GLN B 705 -13.45 1.73 2.14
CA GLN B 705 -14.64 2.60 2.10
C GLN B 705 -14.55 3.70 3.17
N VAL B 706 -13.90 4.81 2.83
CA VAL B 706 -13.81 5.96 3.73
C VAL B 706 -15.04 6.88 3.56
N LYS B 707 -15.88 6.95 4.60
CA LYS B 707 -17.12 7.77 4.59
C LYS B 707 -16.88 9.25 4.27
N ASP B 708 -15.80 9.81 4.82
CA ASP B 708 -15.41 11.19 4.55
C ASP B 708 -13.94 11.26 4.08
N PRO B 709 -13.71 11.55 2.78
CA PRO B 709 -12.37 11.55 2.15
C PRO B 709 -11.33 12.53 2.73
N ASN B 710 -11.79 13.58 3.43
CA ASN B 710 -10.87 14.52 4.07
C ASN B 710 -10.98 14.59 5.60
N SER B 711 -11.78 13.70 6.20
CA SER B 711 -11.88 13.58 7.67
C SER B 711 -10.53 13.31 8.36
N SER B 712 -9.62 12.61 7.66
CA SER B 712 -8.23 12.41 8.09
C SER B 712 -7.50 13.72 8.49
N SER B 713 -7.48 14.73 7.62
CA SER B 713 -6.80 15.99 7.94
C SER B 713 -7.66 16.90 8.83
N VAL B 714 -8.97 16.84 8.63
CA VAL B 714 -9.92 17.59 9.48
C VAL B 714 -9.78 17.18 10.96
N ASP B 715 -9.84 15.88 11.23
CA ASP B 715 -9.68 15.33 12.59
C ASP B 715 -8.31 15.62 13.17
N LYS B 716 -7.29 15.63 12.32
CA LYS B 716 -5.96 15.98 12.74
C LYS B 716 -5.92 17.44 13.25
N LEU B 717 -6.44 18.37 12.44
CA LEU B 717 -6.54 19.78 12.83
C LEU B 717 -7.32 20.01 14.13
N ALA B 718 -8.47 19.34 14.26
CA ALA B 718 -9.30 19.44 15.47
C ALA B 718 -8.53 19.04 16.72
N ALA B 719 -7.74 17.96 16.61
CA ALA B 719 -6.89 17.50 17.71
C ALA B 719 -5.78 18.53 18.05
N ALA B 720 -5.14 19.06 17.01
CA ALA B 720 -4.12 20.11 17.16
C ALA B 720 -4.65 21.42 17.79
N LEU B 721 -5.94 21.73 17.59
CA LEU B 721 -6.56 22.93 18.17
C LEU B 721 -7.11 22.73 19.57
N GLU B 722 -7.09 21.49 20.07
CA GLU B 722 -7.55 21.20 21.43
C GLU B 722 -6.40 21.06 22.44
N HIS B 723 -6.59 21.68 23.61
CA HIS B 723 -5.76 21.47 24.81
C HIS B 723 -5.88 20.05 25.36
C2 CKL C . -3.17 -6.75 23.11
C4 CKL C . -5.14 -6.95 21.80
C5 CKL C . -5.59 -8.06 22.66
C6 CKL C . -4.69 -8.43 23.77
O24 CKL C . -14.02 -8.17 19.17
S21 CKL C . -14.32 -8.94 20.34
O23 CKL C . -14.83 -10.20 19.88
N22 CKL C . -15.36 -8.10 21.24
C25 CKL C . -16.65 -8.43 21.52
C30 CKL C . -16.99 -9.44 22.44
O31 CKL C . -16.03 -10.19 23.09
C32 CKL C . -15.52 -9.82 24.38
C29 CKL C . -18.34 -9.68 22.66
O33 CKL C . -18.73 -10.68 23.55
C34 CKL C . -19.13 -10.37 24.89
N28 CKL C . -19.28 -8.94 22.01
C27 CKL C . -18.94 -7.97 21.14
N26 CKL C . -17.63 -7.71 20.91
C18 CKL C . -13.00 -9.16 21.24
C17 CKL C . -12.37 -10.42 21.25
C16 CKL C . -11.24 -10.61 22.05
C19 CKL C . -12.51 -8.11 22.02
C20 CKL C . -11.38 -8.31 22.83
C15 CKL C . -10.73 -9.55 22.84
N14 CKL C . -9.61 -9.73 23.60
C13 CKL C . -8.44 -10.46 23.10
C8 CKL C . -7.14 -9.73 23.31
C9 CKL C . -6.27 -10.19 24.44
N10 CKL C . -5.04 -9.42 24.59
N1 CKL C . -3.52 -7.77 23.94
N7 CKL C . -6.77 -8.70 22.48
O12 CKL C . -5.82 -6.54 20.84
N3 CKL C . -3.96 -6.36 22.10
N11 CKL C . -2.00 -6.11 23.31
N1 PH2 D . 30.05 11.43 17.26
C2 PH2 D . 31.29 11.92 16.98
C3 PH2 D . 31.68 12.31 15.57
N4 PH2 D . 30.62 12.10 14.58
N5 PH2 D . 28.45 11.41 13.98
C6 PH2 D . 27.23 10.91 14.30
N6 PH2 D . 26.35 10.77 13.32
N7 PH2 D . 26.87 10.56 15.56
C8 PH2 D . 27.72 10.69 16.58
O8 PH2 D . 27.36 10.35 17.73
C9 PH2 D . 29.09 11.24 16.31
C10 PH2 D . 29.42 11.60 14.91
C11 PH2 D . 32.31 12.11 18.08
O4 PH2 D . 32.12 11.15 19.15
P AMP E . 35.18 13.44 23.13
O1P AMP E . 34.98 13.49 21.60
O2P AMP E . 33.90 13.26 23.92
O3P AMP E . 36.32 12.63 23.73
O5' AMP E . 35.64 14.98 23.39
C5' AMP E . 35.56 15.46 24.72
C4' AMP E . 36.25 16.80 24.79
O4' AMP E . 35.32 17.88 24.61
C3' AMP E . 36.83 17.00 26.17
O3' AMP E . 38.02 17.83 26.09
C2' AMP E . 35.78 17.75 26.91
O2' AMP E . 36.42 18.50 27.95
C1' AMP E . 35.25 18.65 25.83
N9 AMP E . 33.87 19.16 26.06
C8 AMP E . 33.52 20.46 25.98
N7 AMP E . 32.21 20.65 26.20
C5 AMP E . 31.69 19.43 26.41
C6 AMP E . 30.35 18.92 26.71
N6 AMP E . 29.31 19.76 26.81
N1 AMP E . 30.21 17.60 26.86
C2 AMP E . 31.24 16.75 26.76
N3 AMP E . 32.49 17.15 26.49
C4 AMP E . 32.78 18.45 26.31
MG MG F . 32.11 13.46 22.69
C ACT G . -10.41 7.70 25.88
O ACT G . -11.23 8.65 25.78
OXT ACT G . -10.71 6.61 26.41
CH3 ACT G . -9.05 7.94 25.33
C ACT H . -7.67 -13.55 22.20
O ACT H . -7.89 -12.86 21.19
OXT ACT H . -6.61 -13.46 22.87
CH3 ACT H . -8.72 -14.55 22.60
CA CA I . 18.70 7.30 40.32
C2 CKL J . -6.22 -18.42 -17.87
C4 CKL J . -4.52 -18.97 -16.34
C5 CKL J . -4.91 -20.39 -16.42
C6 CKL J . -6.04 -20.71 -17.32
O24 CKL J . 3.22 -24.33 -12.73
S21 CKL J . 1.99 -25.00 -12.37
O23 CKL J . 1.72 -24.67 -11.01
N22 CKL J . 2.03 -26.63 -12.37
C25 CKL J . 2.42 -27.62 -13.25
C30 CKL J . 1.88 -27.93 -14.52
O31 CKL J . 0.87 -27.20 -15.13
C32 CKL J . -0.46 -27.73 -15.38
C29 CKL J . 2.42 -29.03 -15.22
O33 CKL J . 1.96 -29.37 -16.48
C34 CKL J . 1.30 -30.62 -16.72
N28 CKL J . 3.42 -29.77 -14.68
C27 CKL J . 3.91 -29.49 -13.45
N26 CKL J . 3.39 -28.44 -12.77
C18 CKL J . 0.77 -24.63 -13.35
C17 CKL J . 0.91 -23.96 -14.56
C16 CKL J . -0.23 -23.74 -15.35
C19 CKL J . -0.50 -25.08 -12.93
C20 CKL J . -1.63 -24.86 -13.71
C15 CKL J . -1.51 -24.19 -14.92
N14 CKL J . -2.63 -23.94 -15.66
C13 CKL J . -3.95 -23.74 -15.07
C8 CKL J . -4.67 -22.67 -15.86
C9 CKL J . -5.81 -23.09 -16.75
N10 CKL J . -6.45 -21.98 -17.47
N1 CKL J . -6.64 -19.70 -17.99
N7 CKL J . -4.28 -21.37 -15.73
O12 CKL J . -3.58 -18.61 -15.61
N3 CKL J . -5.19 -18.06 -17.08
N11 CKL J . -6.85 -17.48 -18.60
P AMP K . -26.42 16.22 -33.52
O1P AMP K . -27.26 17.10 -32.59
O2P AMP K . -24.93 16.19 -33.14
O3P AMP K . -27.03 14.85 -33.82
O5' AMP K . -26.50 16.99 -34.95
C5' AMP K . -26.82 16.26 -36.15
C4' AMP K . -26.72 17.14 -37.41
O4' AMP K . -25.47 17.85 -37.55
C3' AMP K . -26.83 16.27 -38.66
O3' AMP K . -28.21 16.00 -39.00
C2' AMP K . -26.10 17.07 -39.73
O2' AMP K . -27.00 17.90 -40.48
C1' AMP K . -25.10 17.93 -38.93
N9 AMP K . -23.70 17.50 -39.24
C8 AMP K . -22.78 18.33 -39.77
N7 AMP K . -21.59 17.70 -40.00
C5 AMP K . -21.74 16.42 -39.61
C6 AMP K . -20.85 15.22 -39.56
N6 AMP K . -19.57 15.31 -39.99
N1 AMP K . -21.37 14.05 -39.08
C2 AMP K . -22.66 13.97 -38.65
N3 AMP K . -23.52 15.03 -38.66
C4 AMP K . -23.14 16.27 -39.12
MG MG L . -24.33 14.35 -33.71
C ACT M . 7.23 -14.34 -26.46
O ACT M . 8.44 -14.01 -26.61
OXT ACT M . 6.87 -15.43 -25.92
CH3 ACT M . 6.18 -13.38 -26.94
C ACT N . -12.25 -24.71 -38.11
O ACT N . -12.22 -23.72 -38.84
OXT ACT N . -11.27 -24.99 -37.40
CH3 ACT N . -13.49 -25.55 -38.09
C ACT O . -6.38 -25.15 -13.05
O ACT O . -5.60 -24.39 -12.42
OXT ACT O . -7.12 -24.74 -13.97
CH3 ACT O . -6.42 -26.61 -12.66
CA CA P . -19.75 -6.02 -43.31
#